data_6ATM
# 
_entry.id   6ATM 
# 
_audit_conform.dict_name       mmcif_pdbx.dic 
_audit_conform.dict_version    5.398 
_audit_conform.dict_location   http://mmcif.pdb.org/dictionaries/ascii/mmcif_pdbx.dic 
# 
loop_
_database_2.database_id 
_database_2.database_code 
_database_2.pdbx_database_accession 
_database_2.pdbx_DOI 
PDB   6ATM         pdb_00006atm 10.2210/pdb6atm/pdb 
WWPDB D_1000229802 ?            ?                   
# 
loop_
_pdbx_audit_revision_history.ordinal 
_pdbx_audit_revision_history.data_content_type 
_pdbx_audit_revision_history.major_revision 
_pdbx_audit_revision_history.minor_revision 
_pdbx_audit_revision_history.revision_date 
1 'Structure model' 1 0 2018-08-22 
2 'Structure model' 1 1 2019-11-06 
3 'Structure model' 1 2 2024-11-06 
# 
_pdbx_audit_revision_details.ordinal             1 
_pdbx_audit_revision_details.revision_ordinal    1 
_pdbx_audit_revision_details.data_content_type   'Structure model' 
_pdbx_audit_revision_details.provider            repository 
_pdbx_audit_revision_details.type                'Initial release' 
_pdbx_audit_revision_details.description         ? 
_pdbx_audit_revision_details.details             ? 
# 
loop_
_pdbx_audit_revision_group.ordinal 
_pdbx_audit_revision_group.revision_ordinal 
_pdbx_audit_revision_group.data_content_type 
_pdbx_audit_revision_group.group 
1 2 'Structure model' 'Author supporting evidence' 
2 2 'Structure model' 'Data collection'            
3 3 'Structure model' 'Data collection'            
4 3 'Structure model' 'Database references'        
5 3 'Structure model' 'Structure summary'          
# 
loop_
_pdbx_audit_revision_category.ordinal 
_pdbx_audit_revision_category.revision_ordinal 
_pdbx_audit_revision_category.data_content_type 
_pdbx_audit_revision_category.category 
1 2 'Structure model' pdbx_audit_support        
2 3 'Structure model' chem_comp_atom            
3 3 'Structure model' chem_comp_bond            
4 3 'Structure model' database_2                
5 3 'Structure model' pdbx_entry_details        
6 3 'Structure model' pdbx_modification_feature 
# 
loop_
_pdbx_audit_revision_item.ordinal 
_pdbx_audit_revision_item.revision_ordinal 
_pdbx_audit_revision_item.data_content_type 
_pdbx_audit_revision_item.item 
1 3 'Structure model' '_database_2.pdbx_DOI'                
2 3 'Structure model' '_database_2.pdbx_database_accession' 
# 
_pdbx_database_status.status_code                     REL 
_pdbx_database_status.status_code_sf                  REL 
_pdbx_database_status.status_code_mr                  ? 
_pdbx_database_status.entry_id                        6ATM 
_pdbx_database_status.recvd_initial_deposition_date   2017-08-29 
_pdbx_database_status.SG_entry                        N 
_pdbx_database_status.deposit_site                    RCSB 
_pdbx_database_status.process_site                    RCSB 
_pdbx_database_status.status_code_cs                  ? 
_pdbx_database_status.methods_development_category    ? 
_pdbx_database_status.pdb_format_compatible           Y 
_pdbx_database_status.status_code_nmr_data            ? 
# 
loop_
_audit_author.name 
_audit_author.pdbx_ordinal 
_audit_author.identifier_ORCID 
'Gewe, M.M.'   1 ? 
'Rupert, P.'   2 ? 
'Strong, R.K.' 3 ? 
# 
_citation.abstract                  ? 
_citation.abstract_id_CAS           ? 
_citation.book_id_ISBN              ? 
_citation.book_publisher            ? 
_citation.book_publisher_city       ? 
_citation.book_title                ? 
_citation.coordinate_linkage        ? 
_citation.country                   ? 
_citation.database_id_Medline       ? 
_citation.details                   ? 
_citation.id                        primary 
_citation.journal_abbrev            'To Be Published' 
_citation.journal_id_ASTM           ? 
_citation.journal_id_CSD            0353 
_citation.journal_id_ISSN           ? 
_citation.journal_full              ? 
_citation.journal_issue             ? 
_citation.journal_volume            ? 
_citation.language                  ? 
_citation.page_first                ? 
_citation.page_last                 ? 
_citation.title                     'Exploring Cystine Dense Peptide Space to Open a Unique Molecular Toolbox' 
_citation.year                      ? 
_citation.database_id_CSD           ? 
_citation.pdbx_database_id_DOI      ? 
_citation.pdbx_database_id_PubMed   ? 
_citation.unpublished_flag          ? 
# 
loop_
_citation_author.citation_id 
_citation_author.name 
_citation_author.ordinal 
_citation_author.identifier_ORCID 
primary 'Correnti, C.' 1 ? 
primary 'Gewe, M.M.'   2 ? 
# 
loop_
_entity.id 
_entity.type 
_entity.src_method 
_entity.pdbx_description 
_entity.formula_weight 
_entity.pdbx_number_of_molecules 
_entity.pdbx_ec 
_entity.pdbx_mutation 
_entity.pdbx_fragment 
_entity.details 
1 polymer man 'Potassium channel toxin alpha-KTx 3.10' 4177.003 1  ? ? ? ? 
2 water   nat water                                    18.015   33 ? ? ? ? 
# 
_entity_name_com.entity_id   1 
_entity_name_com.name        BoiTx1 
# 
_entity_poly.entity_id                      1 
_entity_poly.type                           'polypeptide(L)' 
_entity_poly.nstd_linkage                   no 
_entity_poly.nstd_monomer                   no 
_entity_poly.pdbx_seq_one_letter_code       GSGVPINVKCRGSRDCLDPCKKAGMRFGKCINSKCHCTP 
_entity_poly.pdbx_seq_one_letter_code_can   GSGVPINVKCRGSRDCLDPCKKAGMRFGKCINSKCHCTP 
_entity_poly.pdbx_strand_id                 C 
_entity_poly.pdbx_target_identifier         ? 
# 
_pdbx_entity_nonpoly.entity_id   2 
_pdbx_entity_nonpoly.name        water 
_pdbx_entity_nonpoly.comp_id     HOH 
# 
loop_
_entity_poly_seq.entity_id 
_entity_poly_seq.num 
_entity_poly_seq.mon_id 
_entity_poly_seq.hetero 
1 1  GLY n 
1 2  SER n 
1 3  GLY n 
1 4  VAL n 
1 5  PRO n 
1 6  ILE n 
1 7  ASN n 
1 8  VAL n 
1 9  LYS n 
1 10 CYS n 
1 11 ARG n 
1 12 GLY n 
1 13 SER n 
1 14 ARG n 
1 15 ASP n 
1 16 CYS n 
1 17 LEU n 
1 18 ASP n 
1 19 PRO n 
1 20 CYS n 
1 21 LYS n 
1 22 LYS n 
1 23 ALA n 
1 24 GLY n 
1 25 MET n 
1 26 ARG n 
1 27 PHE n 
1 28 GLY n 
1 29 LYS n 
1 30 CYS n 
1 31 ILE n 
1 32 ASN n 
1 33 SER n 
1 34 LYS n 
1 35 CYS n 
1 36 HIS n 
1 37 CYS n 
1 38 THR n 
1 39 PRO n 
# 
_entity_src_gen.entity_id                          1 
_entity_src_gen.pdbx_src_id                        1 
_entity_src_gen.pdbx_alt_source_flag               sample 
_entity_src_gen.pdbx_seq_type                      'Biological sequence' 
_entity_src_gen.pdbx_beg_seq_num                   1 
_entity_src_gen.pdbx_end_seq_num                   39 
_entity_src_gen.gene_src_common_name               'Common yellow scorpion' 
_entity_src_gen.gene_src_genus                     ? 
_entity_src_gen.pdbx_gene_src_gene                 ? 
_entity_src_gen.gene_src_species                   ? 
_entity_src_gen.gene_src_strain                    ? 
_entity_src_gen.gene_src_tissue                    ? 
_entity_src_gen.gene_src_tissue_fraction           ? 
_entity_src_gen.gene_src_details                   ? 
_entity_src_gen.pdbx_gene_src_fragment             ? 
_entity_src_gen.pdbx_gene_src_scientific_name      'Buthus occitanus israelis' 
_entity_src_gen.pdbx_gene_src_ncbi_taxonomy_id     539894 
_entity_src_gen.pdbx_gene_src_variant              ? 
_entity_src_gen.pdbx_gene_src_cell_line            ? 
_entity_src_gen.pdbx_gene_src_atcc                 ? 
_entity_src_gen.pdbx_gene_src_organ                ? 
_entity_src_gen.pdbx_gene_src_organelle            ? 
_entity_src_gen.pdbx_gene_src_cell                 ? 
_entity_src_gen.pdbx_gene_src_cellular_location    ? 
_entity_src_gen.host_org_common_name               ? 
_entity_src_gen.pdbx_host_org_scientific_name      'Homo sapiens' 
_entity_src_gen.pdbx_host_org_ncbi_taxonomy_id     9606 
_entity_src_gen.host_org_genus                     ? 
_entity_src_gen.pdbx_host_org_gene                 ? 
_entity_src_gen.pdbx_host_org_organ                ? 
_entity_src_gen.host_org_species                   ? 
_entity_src_gen.pdbx_host_org_tissue               ? 
_entity_src_gen.pdbx_host_org_tissue_fraction      ? 
_entity_src_gen.pdbx_host_org_strain               ? 
_entity_src_gen.pdbx_host_org_variant              ? 
_entity_src_gen.pdbx_host_org_cell_line            HEK293F 
_entity_src_gen.pdbx_host_org_atcc                 ? 
_entity_src_gen.pdbx_host_org_culture_collection   ? 
_entity_src_gen.pdbx_host_org_cell                 ? 
_entity_src_gen.pdbx_host_org_organelle            ? 
_entity_src_gen.pdbx_host_org_cellular_location    ? 
_entity_src_gen.pdbx_host_org_vector_type          ? 
_entity_src_gen.pdbx_host_org_vector               ? 
_entity_src_gen.host_org_details                   ? 
_entity_src_gen.expression_system_id               ? 
_entity_src_gen.plasmid_name                       ? 
_entity_src_gen.plasmid_details                    ? 
_entity_src_gen.pdbx_description                   ? 
# 
loop_
_chem_comp.id 
_chem_comp.type 
_chem_comp.mon_nstd_flag 
_chem_comp.name 
_chem_comp.pdbx_synonyms 
_chem_comp.formula 
_chem_comp.formula_weight 
ALA 'L-peptide linking' y ALANINE         ? 'C3 H7 N O2'     89.093  
ARG 'L-peptide linking' y ARGININE        ? 'C6 H15 N4 O2 1' 175.209 
ASN 'L-peptide linking' y ASPARAGINE      ? 'C4 H8 N2 O3'    132.118 
ASP 'L-peptide linking' y 'ASPARTIC ACID' ? 'C4 H7 N O4'     133.103 
CYS 'L-peptide linking' y CYSTEINE        ? 'C3 H7 N O2 S'   121.158 
GLY 'peptide linking'   y GLYCINE         ? 'C2 H5 N O2'     75.067  
HIS 'L-peptide linking' y HISTIDINE       ? 'C6 H10 N3 O2 1' 156.162 
HOH non-polymer         . WATER           ? 'H2 O'           18.015  
ILE 'L-peptide linking' y ISOLEUCINE      ? 'C6 H13 N O2'    131.173 
LEU 'L-peptide linking' y LEUCINE         ? 'C6 H13 N O2'    131.173 
LYS 'L-peptide linking' y LYSINE          ? 'C6 H15 N2 O2 1' 147.195 
MET 'L-peptide linking' y METHIONINE      ? 'C5 H11 N O2 S'  149.211 
PHE 'L-peptide linking' y PHENYLALANINE   ? 'C9 H11 N O2'    165.189 
PRO 'L-peptide linking' y PROLINE         ? 'C5 H9 N O2'     115.130 
SER 'L-peptide linking' y SERINE          ? 'C3 H7 N O3'     105.093 
THR 'L-peptide linking' y THREONINE       ? 'C4 H9 N O3'     119.119 
VAL 'L-peptide linking' y VALINE          ? 'C5 H11 N O2'    117.146 
# 
loop_
_pdbx_poly_seq_scheme.asym_id 
_pdbx_poly_seq_scheme.entity_id 
_pdbx_poly_seq_scheme.seq_id 
_pdbx_poly_seq_scheme.mon_id 
_pdbx_poly_seq_scheme.ndb_seq_num 
_pdbx_poly_seq_scheme.pdb_seq_num 
_pdbx_poly_seq_scheme.auth_seq_num 
_pdbx_poly_seq_scheme.pdb_mon_id 
_pdbx_poly_seq_scheme.auth_mon_id 
_pdbx_poly_seq_scheme.pdb_strand_id 
_pdbx_poly_seq_scheme.pdb_ins_code 
_pdbx_poly_seq_scheme.hetero 
A 1 1  GLY 1  -1 -1 GLY GLY C . n 
A 1 2  SER 2  0  0  SER SER C . n 
A 1 3  GLY 3  1  1  GLY GLY C . n 
A 1 4  VAL 4  2  2  VAL VAL C . n 
A 1 5  PRO 5  3  3  PRO PRO C . n 
A 1 6  ILE 6  4  4  ILE ILE C . n 
A 1 7  ASN 7  5  5  ASN ASN C . n 
A 1 8  VAL 8  6  6  VAL VAL C . n 
A 1 9  LYS 9  7  7  LYS LYS C . n 
A 1 10 CYS 10 8  8  CYS CYS C . n 
A 1 11 ARG 11 9  9  ARG ARG C . n 
A 1 12 GLY 12 10 10 GLY GLY C . n 
A 1 13 SER 13 11 11 SER SER C . n 
A 1 14 ARG 14 12 12 ARG ARG C . n 
A 1 15 ASP 15 13 13 ASP ASP C . n 
A 1 16 CYS 16 14 14 CYS CYS C . n 
A 1 17 LEU 17 15 15 LEU LEU C . n 
A 1 18 ASP 18 16 16 ASP ASP C . n 
A 1 19 PRO 19 17 17 PRO PRO C . n 
A 1 20 CYS 20 18 18 CYS CYS C . n 
A 1 21 LYS 21 19 19 LYS LYS C . n 
A 1 22 LYS 22 20 20 LYS LYS C . n 
A 1 23 ALA 23 21 21 ALA ALA C . n 
A 1 24 GLY 24 22 22 GLY GLY C . n 
A 1 25 MET 25 23 23 MET MET C . n 
A 1 26 ARG 26 24 24 ARG ARG C . n 
A 1 27 PHE 27 25 25 PHE PHE C . n 
A 1 28 GLY 28 26 26 GLY GLY C . n 
A 1 29 LYS 29 27 27 LYS LYS C . n 
A 1 30 CYS 30 28 28 CYS CYS C . n 
A 1 31 ILE 31 29 29 ILE ILE C . n 
A 1 32 ASN 32 30 30 ASN ASN C . n 
A 1 33 SER 33 31 31 SER SER C . n 
A 1 34 LYS 34 32 32 LYS LYS C . n 
A 1 35 CYS 35 33 33 CYS CYS C . n 
A 1 36 HIS 36 34 34 HIS HIS C . n 
A 1 37 CYS 37 35 35 CYS CYS C . n 
A 1 38 THR 38 36 36 THR THR C . n 
A 1 39 PRO 39 37 37 PRO PRO C . n 
# 
loop_
_pdbx_nonpoly_scheme.asym_id 
_pdbx_nonpoly_scheme.entity_id 
_pdbx_nonpoly_scheme.mon_id 
_pdbx_nonpoly_scheme.ndb_seq_num 
_pdbx_nonpoly_scheme.pdb_seq_num 
_pdbx_nonpoly_scheme.auth_seq_num 
_pdbx_nonpoly_scheme.pdb_mon_id 
_pdbx_nonpoly_scheme.auth_mon_id 
_pdbx_nonpoly_scheme.pdb_strand_id 
_pdbx_nonpoly_scheme.pdb_ins_code 
B 2 HOH 1  101 33 HOH HOH C . 
B 2 HOH 2  102 11 HOH HOH C . 
B 2 HOH 3  103 23 HOH HOH C . 
B 2 HOH 4  104 26 HOH HOH C . 
B 2 HOH 5  105 2  HOH HOH C . 
B 2 HOH 6  106 12 HOH HOH C . 
B 2 HOH 7  107 28 HOH HOH C . 
B 2 HOH 8  108 15 HOH HOH C . 
B 2 HOH 9  109 7  HOH HOH C . 
B 2 HOH 10 110 1  HOH HOH C . 
B 2 HOH 11 111 5  HOH HOH C . 
B 2 HOH 12 112 8  HOH HOH C . 
B 2 HOH 13 113 6  HOH HOH C . 
B 2 HOH 14 114 24 HOH HOH C . 
B 2 HOH 15 115 31 HOH HOH C . 
B 2 HOH 16 116 17 HOH HOH C . 
B 2 HOH 17 117 30 HOH HOH C . 
B 2 HOH 18 118 16 HOH HOH C . 
B 2 HOH 19 119 3  HOH HOH C . 
B 2 HOH 20 120 14 HOH HOH C . 
B 2 HOH 21 121 4  HOH HOH C . 
B 2 HOH 22 122 10 HOH HOH C . 
B 2 HOH 23 123 22 HOH HOH C . 
B 2 HOH 24 124 9  HOH HOH C . 
B 2 HOH 25 125 18 HOH HOH C . 
B 2 HOH 26 126 13 HOH HOH C . 
B 2 HOH 27 127 19 HOH HOH C . 
B 2 HOH 28 128 21 HOH HOH C . 
B 2 HOH 29 129 29 HOH HOH C . 
B 2 HOH 30 130 25 HOH HOH C . 
B 2 HOH 31 131 34 HOH HOH C . 
B 2 HOH 32 132 32 HOH HOH C . 
B 2 HOH 33 133 20 HOH HOH C . 
# 
loop_
_software.citation_id 
_software.classification 
_software.compiler_name 
_software.compiler_version 
_software.contact_author 
_software.contact_author_email 
_software.date 
_software.description 
_software.dependencies 
_software.hardware 
_software.language 
_software.location 
_software.mods 
_software.name 
_software.os 
_software.os_version 
_software.type 
_software.version 
_software.pdbx_ordinal 
? refinement       ? ? ? ? ? ? ? ? ? ? ? REFMAC   ? ? ? 5.8.0158 1 
? 'data reduction' ? ? ? ? ? ? ? ? ? ? ? HKL-2000 ? ? ? 708c     2 
? 'data scaling'   ? ? ? ? ? ? ? ? ? ? ? HKL-2000 ? ? ? 708c     3 
? phasing          ? ? ? ? ? ? ? ? ? ? ? PHASER   ? ? ? .        4 
# 
_cell.angle_alpha                  90.00 
_cell.angle_alpha_esd              ? 
_cell.angle_beta                   90.00 
_cell.angle_beta_esd               ? 
_cell.angle_gamma                  90.00 
_cell.angle_gamma_esd              ? 
_cell.entry_id                     6ATM 
_cell.details                      ? 
_cell.formula_units_Z              ? 
_cell.length_a                     43.831 
_cell.length_a_esd                 ? 
_cell.length_b                     50.750 
_cell.length_b_esd                 ? 
_cell.length_c                     27.657 
_cell.length_c_esd                 ? 
_cell.volume                       ? 
_cell.volume_esd                   ? 
_cell.Z_PDB                        8 
_cell.reciprocal_angle_alpha       ? 
_cell.reciprocal_angle_beta        ? 
_cell.reciprocal_angle_gamma       ? 
_cell.reciprocal_angle_alpha_esd   ? 
_cell.reciprocal_angle_beta_esd    ? 
_cell.reciprocal_angle_gamma_esd   ? 
_cell.reciprocal_length_a          ? 
_cell.reciprocal_length_b          ? 
_cell.reciprocal_length_c          ? 
_cell.reciprocal_length_a_esd      ? 
_cell.reciprocal_length_b_esd      ? 
_cell.reciprocal_length_c_esd      ? 
_cell.pdbx_unique_axis             ? 
# 
_symmetry.entry_id                         6ATM 
_symmetry.cell_setting                     ? 
_symmetry.Int_Tables_number                20 
_symmetry.space_group_name_Hall            ? 
_symmetry.space_group_name_H-M             'C 2 2 21' 
_symmetry.pdbx_full_space_group_name_H-M   ? 
# 
_exptl.absorpt_coefficient_mu     ? 
_exptl.absorpt_correction_T_max   ? 
_exptl.absorpt_correction_T_min   ? 
_exptl.absorpt_correction_type    ? 
_exptl.absorpt_process_details    ? 
_exptl.entry_id                   6ATM 
_exptl.crystals_number            1 
_exptl.details                    ? 
_exptl.method                     'X-RAY DIFFRACTION' 
_exptl.method_details             ? 
# 
_exptl_crystal.colour                      ? 
_exptl_crystal.density_diffrn              ? 
_exptl_crystal.density_Matthews            1.84 
_exptl_crystal.density_method              ? 
_exptl_crystal.density_percent_sol         33.19 
_exptl_crystal.description                 ? 
_exptl_crystal.F_000                       ? 
_exptl_crystal.id                          1 
_exptl_crystal.preparation                 ? 
_exptl_crystal.size_max                    ? 
_exptl_crystal.size_mid                    ? 
_exptl_crystal.size_min                    ? 
_exptl_crystal.size_rad                    ? 
_exptl_crystal.colour_lustre               ? 
_exptl_crystal.colour_modifier             ? 
_exptl_crystal.colour_primary              ? 
_exptl_crystal.density_meas                ? 
_exptl_crystal.density_meas_esd            ? 
_exptl_crystal.density_meas_gt             ? 
_exptl_crystal.density_meas_lt             ? 
_exptl_crystal.density_meas_temp           ? 
_exptl_crystal.density_meas_temp_esd       ? 
_exptl_crystal.density_meas_temp_gt        ? 
_exptl_crystal.density_meas_temp_lt        ? 
_exptl_crystal.pdbx_crystal_image_url      ? 
_exptl_crystal.pdbx_crystal_image_format   ? 
_exptl_crystal.pdbx_mosaicity              ? 
_exptl_crystal.pdbx_mosaicity_esd          ? 
# 
_exptl_crystal_grow.apparatus       ? 
_exptl_crystal_grow.atmosphere      ? 
_exptl_crystal_grow.crystal_id      1 
_exptl_crystal_grow.details         ? 
_exptl_crystal_grow.method          'VAPOR DIFFUSION' 
_exptl_crystal_grow.method_ref      ? 
_exptl_crystal_grow.pH              7.2 
_exptl_crystal_grow.pressure        ? 
_exptl_crystal_grow.pressure_esd    ? 
_exptl_crystal_grow.seeding         ? 
_exptl_crystal_grow.seeding_ref     ? 
_exptl_crystal_grow.temp            289 
_exptl_crystal_grow.temp_details    ? 
_exptl_crystal_grow.temp_esd        ? 
_exptl_crystal_grow.time            ? 
_exptl_crystal_grow.pdbx_details    '1.6M tri-Na Citrate' 
_exptl_crystal_grow.pdbx_pH_range   ? 
# 
_diffrn.ambient_environment    ? 
_diffrn.ambient_temp           100 
_diffrn.ambient_temp_details   ? 
_diffrn.ambient_temp_esd       ? 
_diffrn.crystal_id             1 
_diffrn.crystal_support        ? 
_diffrn.crystal_treatment      ? 
_diffrn.details                ? 
_diffrn.id                     1 
_diffrn.ambient_pressure       ? 
_diffrn.ambient_pressure_esd   ? 
_diffrn.ambient_pressure_gt    ? 
_diffrn.ambient_pressure_lt    ? 
_diffrn.ambient_temp_gt        ? 
_diffrn.ambient_temp_lt        ? 
# 
_diffrn_detector.details                      ? 
_diffrn_detector.detector                     CCD 
_diffrn_detector.diffrn_id                    1 
_diffrn_detector.type                         'RIGAKU SATURN 944+' 
_diffrn_detector.area_resol_mean              ? 
_diffrn_detector.dtime                        ? 
_diffrn_detector.pdbx_frames_total            ? 
_diffrn_detector.pdbx_collection_time_total   ? 
_diffrn_detector.pdbx_collection_date         2016-08-23 
# 
_diffrn_radiation.collimation                      ? 
_diffrn_radiation.diffrn_id                        1 
_diffrn_radiation.filter_edge                      ? 
_diffrn_radiation.inhomogeneity                    ? 
_diffrn_radiation.monochromator                    'osmic varimax' 
_diffrn_radiation.polarisn_norm                    ? 
_diffrn_radiation.polarisn_ratio                   ? 
_diffrn_radiation.probe                            ? 
_diffrn_radiation.type                             ? 
_diffrn_radiation.xray_symbol                      ? 
_diffrn_radiation.wavelength_id                    1 
_diffrn_radiation.pdbx_monochromatic_or_laue_m_l   M 
_diffrn_radiation.pdbx_wavelength_list             ? 
_diffrn_radiation.pdbx_wavelength                  ? 
_diffrn_radiation.pdbx_diffrn_protocol             'SINGLE WAVELENGTH' 
_diffrn_radiation.pdbx_analyzer                    ? 
_diffrn_radiation.pdbx_scattering_type             x-ray 
# 
_diffrn_radiation_wavelength.id           1 
_diffrn_radiation_wavelength.wavelength   1.54 
_diffrn_radiation_wavelength.wt           1.0 
# 
_diffrn_source.current                     ? 
_diffrn_source.details                     ? 
_diffrn_source.diffrn_id                   1 
_diffrn_source.power                       ? 
_diffrn_source.size                        ? 
_diffrn_source.source                      'ROTATING ANODE' 
_diffrn_source.target                      ? 
_diffrn_source.type                        'RIGAKU MICROMAX-007 HF' 
_diffrn_source.voltage                     ? 
_diffrn_source.take-off_angle              ? 
_diffrn_source.pdbx_wavelength_list        1.54 
_diffrn_source.pdbx_wavelength             ? 
_diffrn_source.pdbx_synchrotron_beamline   ? 
_diffrn_source.pdbx_synchrotron_site       ? 
# 
_reflns.B_iso_Wilson_estimate            ? 
_reflns.entry_id                         6ATM 
_reflns.data_reduction_details           ? 
_reflns.data_reduction_method            ? 
_reflns.d_resolution_high                2.09 
_reflns.d_resolution_low                 50.0 
_reflns.details                          ? 
_reflns.limit_h_max                      ? 
_reflns.limit_h_min                      ? 
_reflns.limit_k_max                      ? 
_reflns.limit_k_min                      ? 
_reflns.limit_l_max                      ? 
_reflns.limit_l_min                      ? 
_reflns.number_all                       ? 
_reflns.number_obs                       6993 
_reflns.observed_criterion               ? 
_reflns.observed_criterion_F_max         ? 
_reflns.observed_criterion_F_min         ? 
_reflns.observed_criterion_I_max         ? 
_reflns.observed_criterion_I_min         ? 
_reflns.observed_criterion_sigma_F       ? 
_reflns.observed_criterion_sigma_I       ? 
_reflns.percent_possible_obs             99 
_reflns.R_free_details                   ? 
_reflns.Rmerge_F_all                     ? 
_reflns.Rmerge_F_obs                     ? 
_reflns.Friedel_coverage                 ? 
_reflns.number_gt                        ? 
_reflns.threshold_expression             ? 
_reflns.pdbx_redundancy                  3.7 
_reflns.pdbx_Rmerge_I_obs                ? 
_reflns.pdbx_Rmerge_I_all                ? 
_reflns.pdbx_Rsym_value                  ? 
_reflns.pdbx_netI_over_av_sigmaI         ? 
_reflns.pdbx_netI_over_sigmaI            51.05 
_reflns.pdbx_res_netI_over_av_sigmaI_2   ? 
_reflns.pdbx_res_netI_over_sigmaI_2      ? 
_reflns.pdbx_chi_squared                 ? 
_reflns.pdbx_scaling_rejects             ? 
_reflns.pdbx_d_res_high_opt              ? 
_reflns.pdbx_d_res_low_opt               ? 
_reflns.pdbx_d_res_opt_method            ? 
_reflns.phase_calculation_details        ? 
_reflns.pdbx_Rrim_I_all                  ? 
_reflns.pdbx_Rpim_I_all                  ? 
_reflns.pdbx_d_opt                       ? 
_reflns.pdbx_number_measured_all         ? 
_reflns.pdbx_diffrn_id                   1 
_reflns.pdbx_ordinal                     1 
_reflns.pdbx_CC_half                     ? 
_reflns.pdbx_R_split                     ? 
# 
_reflns_shell.d_res_high                  2.09 
_reflns_shell.d_res_low                   2.13 
_reflns_shell.meanI_over_sigI_all         ? 
_reflns_shell.meanI_over_sigI_obs         1.2 
_reflns_shell.number_measured_all         ? 
_reflns_shell.number_measured_obs         ? 
_reflns_shell.number_possible             ? 
_reflns_shell.number_unique_all           ? 
_reflns_shell.number_unique_obs           289 
_reflns_shell.percent_possible_all        89.8 
_reflns_shell.percent_possible_obs        ? 
_reflns_shell.Rmerge_F_all                ? 
_reflns_shell.Rmerge_F_obs                ? 
_reflns_shell.Rmerge_I_all                ? 
_reflns_shell.Rmerge_I_obs                0.04 
_reflns_shell.meanI_over_sigI_gt          ? 
_reflns_shell.meanI_over_uI_all           ? 
_reflns_shell.meanI_over_uI_gt            ? 
_reflns_shell.number_measured_gt          ? 
_reflns_shell.number_unique_gt            ? 
_reflns_shell.percent_possible_gt         ? 
_reflns_shell.Rmerge_F_gt                 ? 
_reflns_shell.Rmerge_I_gt                 ? 
_reflns_shell.pdbx_redundancy             2.9 
_reflns_shell.pdbx_Rsym_value             0.05 
_reflns_shell.pdbx_chi_squared            ? 
_reflns_shell.pdbx_netI_over_sigmaI_all   ? 
_reflns_shell.pdbx_netI_over_sigmaI_obs   ? 
_reflns_shell.pdbx_Rrim_I_all             ? 
_reflns_shell.pdbx_Rpim_I_all             0.028 
_reflns_shell.pdbx_rejects                ? 
_reflns_shell.pdbx_ordinal                1 
_reflns_shell.pdbx_diffrn_id              1 
_reflns_shell.pdbx_CC_half                0.995 
_reflns_shell.pdbx_R_split                ? 
# 
_refine.aniso_B[1][1]                            0.04 
_refine.aniso_B[1][2]                            0.00 
_refine.aniso_B[1][3]                            0.00 
_refine.aniso_B[2][2]                            -0.04 
_refine.aniso_B[2][3]                            0.00 
_refine.aniso_B[3][3]                            0.00 
_refine.B_iso_max                                ? 
_refine.B_iso_mean                               25.140 
_refine.B_iso_min                                ? 
_refine.correlation_coeff_Fo_to_Fc               0.967 
_refine.correlation_coeff_Fo_to_Fc_free          0.926 
_refine.details                                  'HYDROGENS HAVE BEEN ADDED IN THE RIDING POSITIONS' 
_refine.diff_density_max                         ? 
_refine.diff_density_max_esd                     ? 
_refine.diff_density_min                         ? 
_refine.diff_density_min_esd                     ? 
_refine.diff_density_rms                         ? 
_refine.diff_density_rms_esd                     ? 
_refine.entry_id                                 6ATM 
_refine.pdbx_refine_id                           'X-RAY DIFFRACTION' 
_refine.ls_abs_structure_details                 ? 
_refine.ls_abs_structure_Flack                   ? 
_refine.ls_abs_structure_Flack_esd               ? 
_refine.ls_abs_structure_Rogers                  ? 
_refine.ls_abs_structure_Rogers_esd              ? 
_refine.ls_d_res_high                            2.09 
_refine.ls_d_res_low                             33.17 
_refine.ls_extinction_coef                       ? 
_refine.ls_extinction_coef_esd                   ? 
_refine.ls_extinction_expression                 ? 
_refine.ls_extinction_method                     ? 
_refine.ls_goodness_of_fit_all                   ? 
_refine.ls_goodness_of_fit_all_esd               ? 
_refine.ls_goodness_of_fit_obs                   ? 
_refine.ls_goodness_of_fit_obs_esd               ? 
_refine.ls_hydrogen_treatment                    ? 
_refine.ls_matrix_type                           ? 
_refine.ls_number_constraints                    ? 
_refine.ls_number_parameters                     ? 
_refine.ls_number_reflns_all                     ? 
_refine.ls_number_reflns_obs                     2509 
_refine.ls_number_reflns_R_free                  138 
_refine.ls_number_reflns_R_work                  ? 
_refine.ls_number_restraints                     ? 
_refine.ls_percent_reflns_obs                    86.76 
_refine.ls_percent_reflns_R_free                 5.2 
_refine.ls_R_factor_all                          ? 
_refine.ls_R_factor_obs                          0.15650 
_refine.ls_R_factor_R_free                       0.23571 
_refine.ls_R_factor_R_free_error                 ? 
_refine.ls_R_factor_R_free_error_details         ? 
_refine.ls_R_factor_R_work                       0.15240 
_refine.ls_R_Fsqd_factor_obs                     ? 
_refine.ls_R_I_factor_obs                        ? 
_refine.ls_redundancy_reflns_all                 ? 
_refine.ls_redundancy_reflns_obs                 ? 
_refine.ls_restrained_S_all                      ? 
_refine.ls_restrained_S_obs                      ? 
_refine.ls_shift_over_esd_max                    ? 
_refine.ls_shift_over_esd_mean                   ? 
_refine.ls_structure_factor_coef                 ? 
_refine.ls_weighting_details                     ? 
_refine.ls_weighting_scheme                      ? 
_refine.ls_wR_factor_all                         ? 
_refine.ls_wR_factor_obs                         ? 
_refine.ls_wR_factor_R_free                      ? 
_refine.ls_wR_factor_R_work                      ? 
_refine.occupancy_max                            ? 
_refine.occupancy_min                            ? 
_refine.solvent_model_details                    ? 
_refine.solvent_model_param_bsol                 ? 
_refine.solvent_model_param_ksol                 ? 
_refine.ls_R_factor_gt                           ? 
_refine.ls_goodness_of_fit_gt                    ? 
_refine.ls_goodness_of_fit_ref                   ? 
_refine.ls_shift_over_su_max                     ? 
_refine.ls_shift_over_su_max_lt                  ? 
_refine.ls_shift_over_su_mean                    ? 
_refine.ls_shift_over_su_mean_lt                 ? 
_refine.pdbx_ls_sigma_I                          ? 
_refine.pdbx_ls_sigma_F                          ? 
_refine.pdbx_ls_sigma_Fsqd                       ? 
_refine.pdbx_data_cutoff_high_absF               ? 
_refine.pdbx_data_cutoff_high_rms_absF           ? 
_refine.pdbx_data_cutoff_low_absF                ? 
_refine.pdbx_isotropic_thermal_model             ? 
_refine.pdbx_ls_cross_valid_method               THROUGHOUT 
_refine.pdbx_method_to_determine_struct          'MOLECULAR REPLACEMENT' 
_refine.pdbx_starting_model                      ? 
_refine.pdbx_stereochemistry_target_values       ? 
_refine.pdbx_R_Free_selection_details            RANDOM 
_refine.pdbx_stereochem_target_val_spec_case     ? 
_refine.pdbx_overall_ESU_R                       0.149 
_refine.pdbx_overall_ESU_R_Free                  0.161 
_refine.pdbx_solvent_vdw_probe_radii             1.20 
_refine.pdbx_solvent_ion_probe_radii             0.80 
_refine.pdbx_solvent_shrinkage_radii             0.80 
_refine.pdbx_real_space_R                        ? 
_refine.pdbx_density_correlation                 ? 
_refine.pdbx_pd_number_of_powder_patterns        ? 
_refine.pdbx_pd_number_of_points                 ? 
_refine.pdbx_pd_meas_number_of_points            ? 
_refine.pdbx_pd_proc_ls_prof_R_factor            ? 
_refine.pdbx_pd_proc_ls_prof_wR_factor           ? 
_refine.pdbx_pd_Marquardt_correlation_coeff      ? 
_refine.pdbx_pd_Fsqrd_R_factor                   ? 
_refine.pdbx_pd_ls_matrix_band_width             ? 
_refine.pdbx_overall_phase_error                 ? 
_refine.pdbx_overall_SU_R_free_Cruickshank_DPI   ? 
_refine.pdbx_overall_SU_R_free_Blow_DPI          ? 
_refine.pdbx_overall_SU_R_Blow_DPI               ? 
_refine.pdbx_TLS_residual_ADP_flag               ? 
_refine.pdbx_diffrn_id                           1 
_refine.overall_SU_B                             2.738 
_refine.overall_SU_ML                            0.084 
_refine.overall_SU_R_Cruickshank_DPI             ? 
_refine.overall_SU_R_free                        ? 
_refine.overall_FOM_free_R_set                   ? 
_refine.overall_FOM_work_R_set                   ? 
_refine.pdbx_average_fsc_overall                 ? 
_refine.pdbx_average_fsc_work                    ? 
_refine.pdbx_average_fsc_free                    ? 
# 
_refine_hist.pdbx_refine_id                   'X-RAY DIFFRACTION' 
_refine_hist.cycle_id                         1 
_refine_hist.pdbx_number_atoms_protein        285 
_refine_hist.pdbx_number_atoms_nucleic_acid   0 
_refine_hist.pdbx_number_atoms_ligand         0 
_refine_hist.number_atoms_solvent             33 
_refine_hist.number_atoms_total               318 
_refine_hist.d_res_high                       2.09 
_refine_hist.d_res_low                        33.17 
# 
loop_
_refine_ls_restr.pdbx_refine_id 
_refine_ls_restr.criterion 
_refine_ls_restr.dev_ideal 
_refine_ls_restr.dev_ideal_target 
_refine_ls_restr.number 
_refine_ls_restr.rejects 
_refine_ls_restr.type 
_refine_ls_restr.weight 
_refine_ls_restr.pdbx_restraint_function 
'X-RAY DIFFRACTION' ? 0.017  0.019  292 ? r_bond_refined_d             ? ? 
'X-RAY DIFFRACTION' ? 0.002  0.020  280 ? r_bond_other_d               ? ? 
'X-RAY DIFFRACTION' ? 1.623  1.993  390 ? r_angle_refined_deg          ? ? 
'X-RAY DIFFRACTION' ? 0.859  3.000  657 ? r_angle_other_deg            ? ? 
'X-RAY DIFFRACTION' ? 6.778  5.000  38  ? r_dihedral_angle_1_deg       ? ? 
'X-RAY DIFFRACTION' ? 18.464 21.111 9   ? r_dihedral_angle_2_deg       ? ? 
'X-RAY DIFFRACTION' ? 15.669 15.000 56  ? r_dihedral_angle_3_deg       ? ? 
'X-RAY DIFFRACTION' ? 13.358 15.000 3   ? r_dihedral_angle_4_deg       ? ? 
'X-RAY DIFFRACTION' ? 0.090  0.200  40  ? r_chiral_restr               ? ? 
'X-RAY DIFFRACTION' ? 0.011  0.021  317 ? r_gen_planes_refined         ? ? 
'X-RAY DIFFRACTION' ? 0.001  0.020  54  ? r_gen_planes_other           ? ? 
'X-RAY DIFFRACTION' ? ?      ?      ?   ? r_nbd_refined                ? ? 
'X-RAY DIFFRACTION' ? ?      ?      ?   ? r_nbd_other                  ? ? 
'X-RAY DIFFRACTION' ? ?      ?      ?   ? r_nbtor_refined              ? ? 
'X-RAY DIFFRACTION' ? ?      ?      ?   ? r_nbtor_other                ? ? 
'X-RAY DIFFRACTION' ? ?      ?      ?   ? r_xyhbond_nbd_refined        ? ? 
'X-RAY DIFFRACTION' ? ?      ?      ?   ? r_xyhbond_nbd_other          ? ? 
'X-RAY DIFFRACTION' ? ?      ?      ?   ? r_metal_ion_refined          ? ? 
'X-RAY DIFFRACTION' ? ?      ?      ?   ? r_metal_ion_other            ? ? 
'X-RAY DIFFRACTION' ? ?      ?      ?   ? r_symmetry_vdw_refined       ? ? 
'X-RAY DIFFRACTION' ? ?      ?      ?   ? r_symmetry_vdw_other         ? ? 
'X-RAY DIFFRACTION' ? ?      ?      ?   ? r_symmetry_hbond_refined     ? ? 
'X-RAY DIFFRACTION' ? ?      ?      ?   ? r_symmetry_hbond_other       ? ? 
'X-RAY DIFFRACTION' ? ?      ?      ?   ? r_symmetry_metal_ion_refined ? ? 
'X-RAY DIFFRACTION' ? ?      ?      ?   ? r_symmetry_metal_ion_other   ? ? 
'X-RAY DIFFRACTION' ? 3.080  2.876  155 ? r_mcbond_it                  ? ? 
'X-RAY DIFFRACTION' ? 3.079  2.877  154 ? r_mcbond_other               ? ? 
'X-RAY DIFFRACTION' ? 4.667  4.764  192 ? r_mcangle_it                 ? ? 
'X-RAY DIFFRACTION' ? 4.658  4.766  193 ? r_mcangle_other              ? ? 
'X-RAY DIFFRACTION' ? 4.443  3.352  137 ? r_scbond_it                  ? ? 
'X-RAY DIFFRACTION' ? 4.407  3.353  137 ? r_scbond_other               ? ? 
'X-RAY DIFFRACTION' ? ?      ?      ?   ? r_scangle_it                 ? ? 
'X-RAY DIFFRACTION' ? 6.370  5.264  198 ? r_scangle_other              ? ? 
'X-RAY DIFFRACTION' ? 8.046  26.208 309 ? r_long_range_B_refined       ? ? 
'X-RAY DIFFRACTION' ? 8.047  25.907 305 ? r_long_range_B_other         ? ? 
'X-RAY DIFFRACTION' ? ?      ?      ?   ? r_rigid_bond_restr           ? ? 
'X-RAY DIFFRACTION' ? ?      ?      ?   ? r_sphericity_free            ? ? 
'X-RAY DIFFRACTION' ? ?      ?      ?   ? r_sphericity_bonded          ? ? 
# 
_refine_ls_shell.pdbx_refine_id                   'X-RAY DIFFRACTION' 
_refine_ls_shell.d_res_high                       1.801 
_refine_ls_shell.d_res_low                        1.848 
_refine_ls_shell.number_reflns_all                ? 
_refine_ls_shell.number_reflns_obs                ? 
_refine_ls_shell.number_reflns_R_free             5 
_refine_ls_shell.number_reflns_R_work             59 
_refine_ls_shell.percent_reflns_obs               28.32 
_refine_ls_shell.percent_reflns_R_free            ? 
_refine_ls_shell.R_factor_all                     ? 
_refine_ls_shell.R_factor_obs                     ? 
_refine_ls_shell.R_factor_R_free                  0.406 
_refine_ls_shell.R_factor_R_free_error            ? 
_refine_ls_shell.R_factor_R_work                  0.305 
_refine_ls_shell.redundancy_reflns_all            ? 
_refine_ls_shell.redundancy_reflns_obs            ? 
_refine_ls_shell.wR_factor_all                    ? 
_refine_ls_shell.wR_factor_obs                    ? 
_refine_ls_shell.wR_factor_R_free                 ? 
_refine_ls_shell.wR_factor_R_work                 ? 
_refine_ls_shell.pdbx_total_number_of_bins_used   20 
_refine_ls_shell.pdbx_phase_error                 ? 
_refine_ls_shell.pdbx_fsc_work                    ? 
_refine_ls_shell.pdbx_fsc_free                    ? 
# 
_struct.entry_id                     6ATM 
_struct.title                        'Exploring Cystine Dense Peptide Space to Open a Unique Molecular Toolbox' 
_struct.pdbx_model_details           ? 
_struct.pdbx_formula_weight          ? 
_struct.pdbx_formula_weight_method   ? 
_struct.pdbx_model_type_details      ? 
_struct.pdbx_CASP_flag               N 
# 
_struct_keywords.entry_id        6ATM 
_struct_keywords.text            'Knottins, Cystine knot, Toxins, TOXIN' 
_struct_keywords.pdbx_keywords   TOXIN 
# 
loop_
_struct_asym.id 
_struct_asym.pdbx_blank_PDB_chainid_flag 
_struct_asym.pdbx_modified 
_struct_asym.entity_id 
_struct_asym.details 
A N N 1 ? 
B N N 2 ? 
# 
_struct_ref.id                         1 
_struct_ref.db_name                    UNP 
_struct_ref.db_code                    KAX3A_BUTOS 
_struct_ref.pdbx_db_accession          P0C908 
_struct_ref.pdbx_db_isoform            ? 
_struct_ref.entity_id                  1 
_struct_ref.pdbx_seq_one_letter_code   GVPINVKCRGSRDCLDPCKKAGMRFGKCINSKCHCTP 
_struct_ref.pdbx_align_begin           23 
# 
_struct_ref_seq.align_id                      1 
_struct_ref_seq.ref_id                        1 
_struct_ref_seq.pdbx_PDB_id_code              6ATM 
_struct_ref_seq.pdbx_strand_id                C 
_struct_ref_seq.seq_align_beg                 3 
_struct_ref_seq.pdbx_seq_align_beg_ins_code   ? 
_struct_ref_seq.seq_align_end                 39 
_struct_ref_seq.pdbx_seq_align_end_ins_code   ? 
_struct_ref_seq.pdbx_db_accession             P0C908 
_struct_ref_seq.db_align_beg                  23 
_struct_ref_seq.pdbx_db_align_beg_ins_code    ? 
_struct_ref_seq.db_align_end                  59 
_struct_ref_seq.pdbx_db_align_end_ins_code    ? 
_struct_ref_seq.pdbx_auth_seq_align_beg       1 
_struct_ref_seq.pdbx_auth_seq_align_end       37 
# 
loop_
_struct_ref_seq_dif.align_id 
_struct_ref_seq_dif.pdbx_pdb_id_code 
_struct_ref_seq_dif.mon_id 
_struct_ref_seq_dif.pdbx_pdb_strand_id 
_struct_ref_seq_dif.seq_num 
_struct_ref_seq_dif.pdbx_pdb_ins_code 
_struct_ref_seq_dif.pdbx_seq_db_name 
_struct_ref_seq_dif.pdbx_seq_db_accession_code 
_struct_ref_seq_dif.db_mon_id 
_struct_ref_seq_dif.pdbx_seq_db_seq_num 
_struct_ref_seq_dif.details 
_struct_ref_seq_dif.pdbx_auth_seq_num 
_struct_ref_seq_dif.pdbx_ordinal 
1 6ATM GLY C 1 ? UNP P0C908 ? ? 'expression tag' -1 1 
1 6ATM SER C 2 ? UNP P0C908 ? ? 'expression tag' 0  2 
# 
_pdbx_struct_assembly.id                   1 
_pdbx_struct_assembly.details              author_and_software_defined_assembly 
_pdbx_struct_assembly.method_details       PISA 
_pdbx_struct_assembly.oligomeric_details   monomeric 
_pdbx_struct_assembly.oligomeric_count     1 
# 
_pdbx_struct_assembly_gen.assembly_id       1 
_pdbx_struct_assembly_gen.oper_expression   1 
_pdbx_struct_assembly_gen.asym_id_list      A,B 
# 
_pdbx_struct_assembly_auth_evidence.id                     1 
_pdbx_struct_assembly_auth_evidence.assembly_id            1 
_pdbx_struct_assembly_auth_evidence.experimental_support   'gel filtration' 
_pdbx_struct_assembly_auth_evidence.details                ? 
# 
_pdbx_struct_oper_list.id                   1 
_pdbx_struct_oper_list.type                 'identity operation' 
_pdbx_struct_oper_list.name                 1_555 
_pdbx_struct_oper_list.symmetry_operation   x,y,z 
_pdbx_struct_oper_list.matrix[1][1]         1.0000000000 
_pdbx_struct_oper_list.matrix[1][2]         0.0000000000 
_pdbx_struct_oper_list.matrix[1][3]         0.0000000000 
_pdbx_struct_oper_list.vector[1]            0.0000000000 
_pdbx_struct_oper_list.matrix[2][1]         0.0000000000 
_pdbx_struct_oper_list.matrix[2][2]         1.0000000000 
_pdbx_struct_oper_list.matrix[2][3]         0.0000000000 
_pdbx_struct_oper_list.vector[2]            0.0000000000 
_pdbx_struct_oper_list.matrix[3][1]         0.0000000000 
_pdbx_struct_oper_list.matrix[3][2]         0.0000000000 
_pdbx_struct_oper_list.matrix[3][3]         1.0000000000 
_pdbx_struct_oper_list.vector[3]            0.0000000000 
# 
loop_
_struct_conf.conf_type_id 
_struct_conf.id 
_struct_conf.pdbx_PDB_helix_id 
_struct_conf.beg_label_comp_id 
_struct_conf.beg_label_asym_id 
_struct_conf.beg_label_seq_id 
_struct_conf.pdbx_beg_PDB_ins_code 
_struct_conf.end_label_comp_id 
_struct_conf.end_label_asym_id 
_struct_conf.end_label_seq_id 
_struct_conf.pdbx_end_PDB_ins_code 
_struct_conf.beg_auth_comp_id 
_struct_conf.beg_auth_asym_id 
_struct_conf.beg_auth_seq_id 
_struct_conf.end_auth_comp_id 
_struct_conf.end_auth_asym_id 
_struct_conf.end_auth_seq_id 
_struct_conf.pdbx_PDB_helix_class 
_struct_conf.details 
_struct_conf.pdbx_PDB_helix_length 
HELX_P HELX_P1 AA1 GLY A 12 ? ASP A 15 ? GLY C 10 ASP C 13 5 ? 4 
HELX_P HELX_P2 AA2 CYS A 16 ? ALA A 23 ? CYS C 14 ALA C 21 1 ? 8 
# 
_struct_conf_type.id          HELX_P 
_struct_conf_type.criteria    ? 
_struct_conf_type.reference   ? 
# 
loop_
_struct_conn.id 
_struct_conn.conn_type_id 
_struct_conn.pdbx_leaving_atom_flag 
_struct_conn.pdbx_PDB_id 
_struct_conn.ptnr1_label_asym_id 
_struct_conn.ptnr1_label_comp_id 
_struct_conn.ptnr1_label_seq_id 
_struct_conn.ptnr1_label_atom_id 
_struct_conn.pdbx_ptnr1_label_alt_id 
_struct_conn.pdbx_ptnr1_PDB_ins_code 
_struct_conn.pdbx_ptnr1_standard_comp_id 
_struct_conn.ptnr1_symmetry 
_struct_conn.ptnr2_label_asym_id 
_struct_conn.ptnr2_label_comp_id 
_struct_conn.ptnr2_label_seq_id 
_struct_conn.ptnr2_label_atom_id 
_struct_conn.pdbx_ptnr2_label_alt_id 
_struct_conn.pdbx_ptnr2_PDB_ins_code 
_struct_conn.ptnr1_auth_asym_id 
_struct_conn.ptnr1_auth_comp_id 
_struct_conn.ptnr1_auth_seq_id 
_struct_conn.ptnr2_auth_asym_id 
_struct_conn.ptnr2_auth_comp_id 
_struct_conn.ptnr2_auth_seq_id 
_struct_conn.ptnr2_symmetry 
_struct_conn.pdbx_ptnr3_label_atom_id 
_struct_conn.pdbx_ptnr3_label_seq_id 
_struct_conn.pdbx_ptnr3_label_comp_id 
_struct_conn.pdbx_ptnr3_label_asym_id 
_struct_conn.pdbx_ptnr3_label_alt_id 
_struct_conn.pdbx_ptnr3_PDB_ins_code 
_struct_conn.details 
_struct_conn.pdbx_dist_value 
_struct_conn.pdbx_value_order 
_struct_conn.pdbx_role 
disulf1 disulf ? ? A CYS 10 SG ? ? ? 1_555 A CYS 30 SG ? ? C CYS 8  C CYS 28 1_555 ? ? ? ? ? ? ? 2.061 ? ? 
disulf2 disulf ? ? A CYS 16 SG ? ? ? 1_555 A CYS 35 SG ? ? C CYS 14 C CYS 33 1_555 ? ? ? ? ? ? ? 2.008 ? ? 
disulf3 disulf ? ? A CYS 20 SG ? ? ? 1_555 A CYS 37 SG ? ? C CYS 18 C CYS 35 1_555 ? ? ? ? ? ? ? 2.040 ? ? 
# 
_struct_conn_type.id          disulf 
_struct_conn_type.criteria    ? 
_struct_conn_type.reference   ? 
# 
loop_
_pdbx_modification_feature.ordinal 
_pdbx_modification_feature.label_comp_id 
_pdbx_modification_feature.label_asym_id 
_pdbx_modification_feature.label_seq_id 
_pdbx_modification_feature.label_alt_id 
_pdbx_modification_feature.modified_residue_label_comp_id 
_pdbx_modification_feature.modified_residue_label_asym_id 
_pdbx_modification_feature.modified_residue_label_seq_id 
_pdbx_modification_feature.modified_residue_label_alt_id 
_pdbx_modification_feature.auth_comp_id 
_pdbx_modification_feature.auth_asym_id 
_pdbx_modification_feature.auth_seq_id 
_pdbx_modification_feature.PDB_ins_code 
_pdbx_modification_feature.symmetry 
_pdbx_modification_feature.modified_residue_auth_comp_id 
_pdbx_modification_feature.modified_residue_auth_asym_id 
_pdbx_modification_feature.modified_residue_auth_seq_id 
_pdbx_modification_feature.modified_residue_PDB_ins_code 
_pdbx_modification_feature.modified_residue_symmetry 
_pdbx_modification_feature.comp_id_linking_atom 
_pdbx_modification_feature.modified_residue_id_linking_atom 
_pdbx_modification_feature.modified_residue_id 
_pdbx_modification_feature.ref_pcm_id 
_pdbx_modification_feature.ref_comp_id 
_pdbx_modification_feature.type 
_pdbx_modification_feature.category 
1 CYS A 10 ? CYS A 30 ? CYS C 8  ? 1_555 CYS C 28 ? 1_555 SG SG . . . None 'Disulfide bridge' 
2 CYS A 16 ? CYS A 35 ? CYS C 14 ? 1_555 CYS C 33 ? 1_555 SG SG . . . None 'Disulfide bridge' 
3 CYS A 20 ? CYS A 37 ? CYS C 18 ? 1_555 CYS C 35 ? 1_555 SG SG . . . None 'Disulfide bridge' 
# 
_struct_sheet.id               AA1 
_struct_sheet.type             ? 
_struct_sheet.number_strands   3 
_struct_sheet.details          ? 
# 
loop_
_struct_sheet_order.sheet_id 
_struct_sheet_order.range_id_1 
_struct_sheet_order.range_id_2 
_struct_sheet_order.offset 
_struct_sheet_order.sense 
AA1 1 2 ? anti-parallel 
AA1 2 3 ? anti-parallel 
# 
loop_
_struct_sheet_range.sheet_id 
_struct_sheet_range.id 
_struct_sheet_range.beg_label_comp_id 
_struct_sheet_range.beg_label_asym_id 
_struct_sheet_range.beg_label_seq_id 
_struct_sheet_range.pdbx_beg_PDB_ins_code 
_struct_sheet_range.end_label_comp_id 
_struct_sheet_range.end_label_asym_id 
_struct_sheet_range.end_label_seq_id 
_struct_sheet_range.pdbx_end_PDB_ins_code 
_struct_sheet_range.beg_auth_comp_id 
_struct_sheet_range.beg_auth_asym_id 
_struct_sheet_range.beg_auth_seq_id 
_struct_sheet_range.end_auth_comp_id 
_struct_sheet_range.end_auth_asym_id 
_struct_sheet_range.end_auth_seq_id 
AA1 1 VAL A 4  ? LYS A 9  ? VAL C 2  LYS C 7  
AA1 2 LYS A 34 ? THR A 38 ? LYS C 32 THR C 36 
AA1 3 PHE A 27 ? ILE A 31 ? PHE C 25 ILE C 29 
# 
loop_
_pdbx_struct_sheet_hbond.sheet_id 
_pdbx_struct_sheet_hbond.range_id_1 
_pdbx_struct_sheet_hbond.range_id_2 
_pdbx_struct_sheet_hbond.range_1_label_atom_id 
_pdbx_struct_sheet_hbond.range_1_label_comp_id 
_pdbx_struct_sheet_hbond.range_1_label_asym_id 
_pdbx_struct_sheet_hbond.range_1_label_seq_id 
_pdbx_struct_sheet_hbond.range_1_PDB_ins_code 
_pdbx_struct_sheet_hbond.range_1_auth_atom_id 
_pdbx_struct_sheet_hbond.range_1_auth_comp_id 
_pdbx_struct_sheet_hbond.range_1_auth_asym_id 
_pdbx_struct_sheet_hbond.range_1_auth_seq_id 
_pdbx_struct_sheet_hbond.range_2_label_atom_id 
_pdbx_struct_sheet_hbond.range_2_label_comp_id 
_pdbx_struct_sheet_hbond.range_2_label_asym_id 
_pdbx_struct_sheet_hbond.range_2_label_seq_id 
_pdbx_struct_sheet_hbond.range_2_PDB_ins_code 
_pdbx_struct_sheet_hbond.range_2_auth_atom_id 
_pdbx_struct_sheet_hbond.range_2_auth_comp_id 
_pdbx_struct_sheet_hbond.range_2_auth_asym_id 
_pdbx_struct_sheet_hbond.range_2_auth_seq_id 
AA1 1 2 N VAL A 4  ? N VAL C 2  O CYS A 37 ? O CYS C 35 
AA1 2 3 O THR A 38 ? O THR C 36 N PHE A 27 ? N PHE C 25 
# 
_pdbx_entry_details.entry_id                   6ATM 
_pdbx_entry_details.compound_details           ? 
_pdbx_entry_details.source_details             ? 
_pdbx_entry_details.nonpolymer_details         ? 
_pdbx_entry_details.sequence_details           ? 
_pdbx_entry_details.has_ligand_of_interest     ? 
_pdbx_entry_details.has_protein_modification   Y 
# 
_pdbx_validate_torsion.id              1 
_pdbx_validate_torsion.PDB_model_num   1 
_pdbx_validate_torsion.auth_comp_id    PHE 
_pdbx_validate_torsion.auth_asym_id    C 
_pdbx_validate_torsion.auth_seq_id     25 
_pdbx_validate_torsion.PDB_ins_code    ? 
_pdbx_validate_torsion.label_alt_id    ? 
_pdbx_validate_torsion.phi             -175.15 
_pdbx_validate_torsion.psi             -176.15 
# 
loop_
_pdbx_struct_special_symmetry.id 
_pdbx_struct_special_symmetry.PDB_model_num 
_pdbx_struct_special_symmetry.auth_asym_id 
_pdbx_struct_special_symmetry.auth_comp_id 
_pdbx_struct_special_symmetry.auth_seq_id 
_pdbx_struct_special_symmetry.PDB_ins_code 
_pdbx_struct_special_symmetry.label_asym_id 
_pdbx_struct_special_symmetry.label_comp_id 
_pdbx_struct_special_symmetry.label_seq_id 
1 1 C HOH 124 ? B HOH . 
2 1 C HOH 127 ? B HOH . 
# 
loop_
_chem_comp_atom.comp_id 
_chem_comp_atom.atom_id 
_chem_comp_atom.type_symbol 
_chem_comp_atom.pdbx_aromatic_flag 
_chem_comp_atom.pdbx_stereo_config 
_chem_comp_atom.pdbx_ordinal 
ALA N    N N N 1   
ALA CA   C N S 2   
ALA C    C N N 3   
ALA O    O N N 4   
ALA CB   C N N 5   
ALA OXT  O N N 6   
ALA H    H N N 7   
ALA H2   H N N 8   
ALA HA   H N N 9   
ALA HB1  H N N 10  
ALA HB2  H N N 11  
ALA HB3  H N N 12  
ALA HXT  H N N 13  
ARG N    N N N 14  
ARG CA   C N S 15  
ARG C    C N N 16  
ARG O    O N N 17  
ARG CB   C N N 18  
ARG CG   C N N 19  
ARG CD   C N N 20  
ARG NE   N N N 21  
ARG CZ   C N N 22  
ARG NH1  N N N 23  
ARG NH2  N N N 24  
ARG OXT  O N N 25  
ARG H    H N N 26  
ARG H2   H N N 27  
ARG HA   H N N 28  
ARG HB2  H N N 29  
ARG HB3  H N N 30  
ARG HG2  H N N 31  
ARG HG3  H N N 32  
ARG HD2  H N N 33  
ARG HD3  H N N 34  
ARG HE   H N N 35  
ARG HH11 H N N 36  
ARG HH12 H N N 37  
ARG HH21 H N N 38  
ARG HH22 H N N 39  
ARG HXT  H N N 40  
ASN N    N N N 41  
ASN CA   C N S 42  
ASN C    C N N 43  
ASN O    O N N 44  
ASN CB   C N N 45  
ASN CG   C N N 46  
ASN OD1  O N N 47  
ASN ND2  N N N 48  
ASN OXT  O N N 49  
ASN H    H N N 50  
ASN H2   H N N 51  
ASN HA   H N N 52  
ASN HB2  H N N 53  
ASN HB3  H N N 54  
ASN HD21 H N N 55  
ASN HD22 H N N 56  
ASN HXT  H N N 57  
ASP N    N N N 58  
ASP CA   C N S 59  
ASP C    C N N 60  
ASP O    O N N 61  
ASP CB   C N N 62  
ASP CG   C N N 63  
ASP OD1  O N N 64  
ASP OD2  O N N 65  
ASP OXT  O N N 66  
ASP H    H N N 67  
ASP H2   H N N 68  
ASP HA   H N N 69  
ASP HB2  H N N 70  
ASP HB3  H N N 71  
ASP HD2  H N N 72  
ASP HXT  H N N 73  
CYS N    N N N 74  
CYS CA   C N R 75  
CYS C    C N N 76  
CYS O    O N N 77  
CYS CB   C N N 78  
CYS SG   S N N 79  
CYS OXT  O N N 80  
CYS H    H N N 81  
CYS H2   H N N 82  
CYS HA   H N N 83  
CYS HB2  H N N 84  
CYS HB3  H N N 85  
CYS HG   H N N 86  
CYS HXT  H N N 87  
GLY N    N N N 88  
GLY CA   C N N 89  
GLY C    C N N 90  
GLY O    O N N 91  
GLY OXT  O N N 92  
GLY H    H N N 93  
GLY H2   H N N 94  
GLY HA2  H N N 95  
GLY HA3  H N N 96  
GLY HXT  H N N 97  
HIS N    N N N 98  
HIS CA   C N S 99  
HIS C    C N N 100 
HIS O    O N N 101 
HIS CB   C N N 102 
HIS CG   C Y N 103 
HIS ND1  N Y N 104 
HIS CD2  C Y N 105 
HIS CE1  C Y N 106 
HIS NE2  N Y N 107 
HIS OXT  O N N 108 
HIS H    H N N 109 
HIS H2   H N N 110 
HIS HA   H N N 111 
HIS HB2  H N N 112 
HIS HB3  H N N 113 
HIS HD1  H N N 114 
HIS HD2  H N N 115 
HIS HE1  H N N 116 
HIS HE2  H N N 117 
HIS HXT  H N N 118 
HOH O    O N N 119 
HOH H1   H N N 120 
HOH H2   H N N 121 
ILE N    N N N 122 
ILE CA   C N S 123 
ILE C    C N N 124 
ILE O    O N N 125 
ILE CB   C N S 126 
ILE CG1  C N N 127 
ILE CG2  C N N 128 
ILE CD1  C N N 129 
ILE OXT  O N N 130 
ILE H    H N N 131 
ILE H2   H N N 132 
ILE HA   H N N 133 
ILE HB   H N N 134 
ILE HG12 H N N 135 
ILE HG13 H N N 136 
ILE HG21 H N N 137 
ILE HG22 H N N 138 
ILE HG23 H N N 139 
ILE HD11 H N N 140 
ILE HD12 H N N 141 
ILE HD13 H N N 142 
ILE HXT  H N N 143 
LEU N    N N N 144 
LEU CA   C N S 145 
LEU C    C N N 146 
LEU O    O N N 147 
LEU CB   C N N 148 
LEU CG   C N N 149 
LEU CD1  C N N 150 
LEU CD2  C N N 151 
LEU OXT  O N N 152 
LEU H    H N N 153 
LEU H2   H N N 154 
LEU HA   H N N 155 
LEU HB2  H N N 156 
LEU HB3  H N N 157 
LEU HG   H N N 158 
LEU HD11 H N N 159 
LEU HD12 H N N 160 
LEU HD13 H N N 161 
LEU HD21 H N N 162 
LEU HD22 H N N 163 
LEU HD23 H N N 164 
LEU HXT  H N N 165 
LYS N    N N N 166 
LYS CA   C N S 167 
LYS C    C N N 168 
LYS O    O N N 169 
LYS CB   C N N 170 
LYS CG   C N N 171 
LYS CD   C N N 172 
LYS CE   C N N 173 
LYS NZ   N N N 174 
LYS OXT  O N N 175 
LYS H    H N N 176 
LYS H2   H N N 177 
LYS HA   H N N 178 
LYS HB2  H N N 179 
LYS HB3  H N N 180 
LYS HG2  H N N 181 
LYS HG3  H N N 182 
LYS HD2  H N N 183 
LYS HD3  H N N 184 
LYS HE2  H N N 185 
LYS HE3  H N N 186 
LYS HZ1  H N N 187 
LYS HZ2  H N N 188 
LYS HZ3  H N N 189 
LYS HXT  H N N 190 
MET N    N N N 191 
MET CA   C N S 192 
MET C    C N N 193 
MET O    O N N 194 
MET CB   C N N 195 
MET CG   C N N 196 
MET SD   S N N 197 
MET CE   C N N 198 
MET OXT  O N N 199 
MET H    H N N 200 
MET H2   H N N 201 
MET HA   H N N 202 
MET HB2  H N N 203 
MET HB3  H N N 204 
MET HG2  H N N 205 
MET HG3  H N N 206 
MET HE1  H N N 207 
MET HE2  H N N 208 
MET HE3  H N N 209 
MET HXT  H N N 210 
PHE N    N N N 211 
PHE CA   C N S 212 
PHE C    C N N 213 
PHE O    O N N 214 
PHE CB   C N N 215 
PHE CG   C Y N 216 
PHE CD1  C Y N 217 
PHE CD2  C Y N 218 
PHE CE1  C Y N 219 
PHE CE2  C Y N 220 
PHE CZ   C Y N 221 
PHE OXT  O N N 222 
PHE H    H N N 223 
PHE H2   H N N 224 
PHE HA   H N N 225 
PHE HB2  H N N 226 
PHE HB3  H N N 227 
PHE HD1  H N N 228 
PHE HD2  H N N 229 
PHE HE1  H N N 230 
PHE HE2  H N N 231 
PHE HZ   H N N 232 
PHE HXT  H N N 233 
PRO N    N N N 234 
PRO CA   C N S 235 
PRO C    C N N 236 
PRO O    O N N 237 
PRO CB   C N N 238 
PRO CG   C N N 239 
PRO CD   C N N 240 
PRO OXT  O N N 241 
PRO H    H N N 242 
PRO HA   H N N 243 
PRO HB2  H N N 244 
PRO HB3  H N N 245 
PRO HG2  H N N 246 
PRO HG3  H N N 247 
PRO HD2  H N N 248 
PRO HD3  H N N 249 
PRO HXT  H N N 250 
SER N    N N N 251 
SER CA   C N S 252 
SER C    C N N 253 
SER O    O N N 254 
SER CB   C N N 255 
SER OG   O N N 256 
SER OXT  O N N 257 
SER H    H N N 258 
SER H2   H N N 259 
SER HA   H N N 260 
SER HB2  H N N 261 
SER HB3  H N N 262 
SER HG   H N N 263 
SER HXT  H N N 264 
THR N    N N N 265 
THR CA   C N S 266 
THR C    C N N 267 
THR O    O N N 268 
THR CB   C N R 269 
THR OG1  O N N 270 
THR CG2  C N N 271 
THR OXT  O N N 272 
THR H    H N N 273 
THR H2   H N N 274 
THR HA   H N N 275 
THR HB   H N N 276 
THR HG1  H N N 277 
THR HG21 H N N 278 
THR HG22 H N N 279 
THR HG23 H N N 280 
THR HXT  H N N 281 
VAL N    N N N 282 
VAL CA   C N S 283 
VAL C    C N N 284 
VAL O    O N N 285 
VAL CB   C N N 286 
VAL CG1  C N N 287 
VAL CG2  C N N 288 
VAL OXT  O N N 289 
VAL H    H N N 290 
VAL H2   H N N 291 
VAL HA   H N N 292 
VAL HB   H N N 293 
VAL HG11 H N N 294 
VAL HG12 H N N 295 
VAL HG13 H N N 296 
VAL HG21 H N N 297 
VAL HG22 H N N 298 
VAL HG23 H N N 299 
VAL HXT  H N N 300 
# 
loop_
_chem_comp_bond.comp_id 
_chem_comp_bond.atom_id_1 
_chem_comp_bond.atom_id_2 
_chem_comp_bond.value_order 
_chem_comp_bond.pdbx_aromatic_flag 
_chem_comp_bond.pdbx_stereo_config 
_chem_comp_bond.pdbx_ordinal 
ALA N   CA   sing N N 1   
ALA N   H    sing N N 2   
ALA N   H2   sing N N 3   
ALA CA  C    sing N N 4   
ALA CA  CB   sing N N 5   
ALA CA  HA   sing N N 6   
ALA C   O    doub N N 7   
ALA C   OXT  sing N N 8   
ALA CB  HB1  sing N N 9   
ALA CB  HB2  sing N N 10  
ALA CB  HB3  sing N N 11  
ALA OXT HXT  sing N N 12  
ARG N   CA   sing N N 13  
ARG N   H    sing N N 14  
ARG N   H2   sing N N 15  
ARG CA  C    sing N N 16  
ARG CA  CB   sing N N 17  
ARG CA  HA   sing N N 18  
ARG C   O    doub N N 19  
ARG C   OXT  sing N N 20  
ARG CB  CG   sing N N 21  
ARG CB  HB2  sing N N 22  
ARG CB  HB3  sing N N 23  
ARG CG  CD   sing N N 24  
ARG CG  HG2  sing N N 25  
ARG CG  HG3  sing N N 26  
ARG CD  NE   sing N N 27  
ARG CD  HD2  sing N N 28  
ARG CD  HD3  sing N N 29  
ARG NE  CZ   sing N N 30  
ARG NE  HE   sing N N 31  
ARG CZ  NH1  sing N N 32  
ARG CZ  NH2  doub N N 33  
ARG NH1 HH11 sing N N 34  
ARG NH1 HH12 sing N N 35  
ARG NH2 HH21 sing N N 36  
ARG NH2 HH22 sing N N 37  
ARG OXT HXT  sing N N 38  
ASN N   CA   sing N N 39  
ASN N   H    sing N N 40  
ASN N   H2   sing N N 41  
ASN CA  C    sing N N 42  
ASN CA  CB   sing N N 43  
ASN CA  HA   sing N N 44  
ASN C   O    doub N N 45  
ASN C   OXT  sing N N 46  
ASN CB  CG   sing N N 47  
ASN CB  HB2  sing N N 48  
ASN CB  HB3  sing N N 49  
ASN CG  OD1  doub N N 50  
ASN CG  ND2  sing N N 51  
ASN ND2 HD21 sing N N 52  
ASN ND2 HD22 sing N N 53  
ASN OXT HXT  sing N N 54  
ASP N   CA   sing N N 55  
ASP N   H    sing N N 56  
ASP N   H2   sing N N 57  
ASP CA  C    sing N N 58  
ASP CA  CB   sing N N 59  
ASP CA  HA   sing N N 60  
ASP C   O    doub N N 61  
ASP C   OXT  sing N N 62  
ASP CB  CG   sing N N 63  
ASP CB  HB2  sing N N 64  
ASP CB  HB3  sing N N 65  
ASP CG  OD1  doub N N 66  
ASP CG  OD2  sing N N 67  
ASP OD2 HD2  sing N N 68  
ASP OXT HXT  sing N N 69  
CYS N   CA   sing N N 70  
CYS N   H    sing N N 71  
CYS N   H2   sing N N 72  
CYS CA  C    sing N N 73  
CYS CA  CB   sing N N 74  
CYS CA  HA   sing N N 75  
CYS C   O    doub N N 76  
CYS C   OXT  sing N N 77  
CYS CB  SG   sing N N 78  
CYS CB  HB2  sing N N 79  
CYS CB  HB3  sing N N 80  
CYS SG  HG   sing N N 81  
CYS OXT HXT  sing N N 82  
GLY N   CA   sing N N 83  
GLY N   H    sing N N 84  
GLY N   H2   sing N N 85  
GLY CA  C    sing N N 86  
GLY CA  HA2  sing N N 87  
GLY CA  HA3  sing N N 88  
GLY C   O    doub N N 89  
GLY C   OXT  sing N N 90  
GLY OXT HXT  sing N N 91  
HIS N   CA   sing N N 92  
HIS N   H    sing N N 93  
HIS N   H2   sing N N 94  
HIS CA  C    sing N N 95  
HIS CA  CB   sing N N 96  
HIS CA  HA   sing N N 97  
HIS C   O    doub N N 98  
HIS C   OXT  sing N N 99  
HIS CB  CG   sing N N 100 
HIS CB  HB2  sing N N 101 
HIS CB  HB3  sing N N 102 
HIS CG  ND1  sing Y N 103 
HIS CG  CD2  doub Y N 104 
HIS ND1 CE1  doub Y N 105 
HIS ND1 HD1  sing N N 106 
HIS CD2 NE2  sing Y N 107 
HIS CD2 HD2  sing N N 108 
HIS CE1 NE2  sing Y N 109 
HIS CE1 HE1  sing N N 110 
HIS NE2 HE2  sing N N 111 
HIS OXT HXT  sing N N 112 
HOH O   H1   sing N N 113 
HOH O   H2   sing N N 114 
ILE N   CA   sing N N 115 
ILE N   H    sing N N 116 
ILE N   H2   sing N N 117 
ILE CA  C    sing N N 118 
ILE CA  CB   sing N N 119 
ILE CA  HA   sing N N 120 
ILE C   O    doub N N 121 
ILE C   OXT  sing N N 122 
ILE CB  CG1  sing N N 123 
ILE CB  CG2  sing N N 124 
ILE CB  HB   sing N N 125 
ILE CG1 CD1  sing N N 126 
ILE CG1 HG12 sing N N 127 
ILE CG1 HG13 sing N N 128 
ILE CG2 HG21 sing N N 129 
ILE CG2 HG22 sing N N 130 
ILE CG2 HG23 sing N N 131 
ILE CD1 HD11 sing N N 132 
ILE CD1 HD12 sing N N 133 
ILE CD1 HD13 sing N N 134 
ILE OXT HXT  sing N N 135 
LEU N   CA   sing N N 136 
LEU N   H    sing N N 137 
LEU N   H2   sing N N 138 
LEU CA  C    sing N N 139 
LEU CA  CB   sing N N 140 
LEU CA  HA   sing N N 141 
LEU C   O    doub N N 142 
LEU C   OXT  sing N N 143 
LEU CB  CG   sing N N 144 
LEU CB  HB2  sing N N 145 
LEU CB  HB3  sing N N 146 
LEU CG  CD1  sing N N 147 
LEU CG  CD2  sing N N 148 
LEU CG  HG   sing N N 149 
LEU CD1 HD11 sing N N 150 
LEU CD1 HD12 sing N N 151 
LEU CD1 HD13 sing N N 152 
LEU CD2 HD21 sing N N 153 
LEU CD2 HD22 sing N N 154 
LEU CD2 HD23 sing N N 155 
LEU OXT HXT  sing N N 156 
LYS N   CA   sing N N 157 
LYS N   H    sing N N 158 
LYS N   H2   sing N N 159 
LYS CA  C    sing N N 160 
LYS CA  CB   sing N N 161 
LYS CA  HA   sing N N 162 
LYS C   O    doub N N 163 
LYS C   OXT  sing N N 164 
LYS CB  CG   sing N N 165 
LYS CB  HB2  sing N N 166 
LYS CB  HB3  sing N N 167 
LYS CG  CD   sing N N 168 
LYS CG  HG2  sing N N 169 
LYS CG  HG3  sing N N 170 
LYS CD  CE   sing N N 171 
LYS CD  HD2  sing N N 172 
LYS CD  HD3  sing N N 173 
LYS CE  NZ   sing N N 174 
LYS CE  HE2  sing N N 175 
LYS CE  HE3  sing N N 176 
LYS NZ  HZ1  sing N N 177 
LYS NZ  HZ2  sing N N 178 
LYS NZ  HZ3  sing N N 179 
LYS OXT HXT  sing N N 180 
MET N   CA   sing N N 181 
MET N   H    sing N N 182 
MET N   H2   sing N N 183 
MET CA  C    sing N N 184 
MET CA  CB   sing N N 185 
MET CA  HA   sing N N 186 
MET C   O    doub N N 187 
MET C   OXT  sing N N 188 
MET CB  CG   sing N N 189 
MET CB  HB2  sing N N 190 
MET CB  HB3  sing N N 191 
MET CG  SD   sing N N 192 
MET CG  HG2  sing N N 193 
MET CG  HG3  sing N N 194 
MET SD  CE   sing N N 195 
MET CE  HE1  sing N N 196 
MET CE  HE2  sing N N 197 
MET CE  HE3  sing N N 198 
MET OXT HXT  sing N N 199 
PHE N   CA   sing N N 200 
PHE N   H    sing N N 201 
PHE N   H2   sing N N 202 
PHE CA  C    sing N N 203 
PHE CA  CB   sing N N 204 
PHE CA  HA   sing N N 205 
PHE C   O    doub N N 206 
PHE C   OXT  sing N N 207 
PHE CB  CG   sing N N 208 
PHE CB  HB2  sing N N 209 
PHE CB  HB3  sing N N 210 
PHE CG  CD1  doub Y N 211 
PHE CG  CD2  sing Y N 212 
PHE CD1 CE1  sing Y N 213 
PHE CD1 HD1  sing N N 214 
PHE CD2 CE2  doub Y N 215 
PHE CD2 HD2  sing N N 216 
PHE CE1 CZ   doub Y N 217 
PHE CE1 HE1  sing N N 218 
PHE CE2 CZ   sing Y N 219 
PHE CE2 HE2  sing N N 220 
PHE CZ  HZ   sing N N 221 
PHE OXT HXT  sing N N 222 
PRO N   CA   sing N N 223 
PRO N   CD   sing N N 224 
PRO N   H    sing N N 225 
PRO CA  C    sing N N 226 
PRO CA  CB   sing N N 227 
PRO CA  HA   sing N N 228 
PRO C   O    doub N N 229 
PRO C   OXT  sing N N 230 
PRO CB  CG   sing N N 231 
PRO CB  HB2  sing N N 232 
PRO CB  HB3  sing N N 233 
PRO CG  CD   sing N N 234 
PRO CG  HG2  sing N N 235 
PRO CG  HG3  sing N N 236 
PRO CD  HD2  sing N N 237 
PRO CD  HD3  sing N N 238 
PRO OXT HXT  sing N N 239 
SER N   CA   sing N N 240 
SER N   H    sing N N 241 
SER N   H2   sing N N 242 
SER CA  C    sing N N 243 
SER CA  CB   sing N N 244 
SER CA  HA   sing N N 245 
SER C   O    doub N N 246 
SER C   OXT  sing N N 247 
SER CB  OG   sing N N 248 
SER CB  HB2  sing N N 249 
SER CB  HB3  sing N N 250 
SER OG  HG   sing N N 251 
SER OXT HXT  sing N N 252 
THR N   CA   sing N N 253 
THR N   H    sing N N 254 
THR N   H2   sing N N 255 
THR CA  C    sing N N 256 
THR CA  CB   sing N N 257 
THR CA  HA   sing N N 258 
THR C   O    doub N N 259 
THR C   OXT  sing N N 260 
THR CB  OG1  sing N N 261 
THR CB  CG2  sing N N 262 
THR CB  HB   sing N N 263 
THR OG1 HG1  sing N N 264 
THR CG2 HG21 sing N N 265 
THR CG2 HG22 sing N N 266 
THR CG2 HG23 sing N N 267 
THR OXT HXT  sing N N 268 
VAL N   CA   sing N N 269 
VAL N   H    sing N N 270 
VAL N   H2   sing N N 271 
VAL CA  C    sing N N 272 
VAL CA  CB   sing N N 273 
VAL CA  HA   sing N N 274 
VAL C   O    doub N N 275 
VAL C   OXT  sing N N 276 
VAL CB  CG1  sing N N 277 
VAL CB  CG2  sing N N 278 
VAL CB  HB   sing N N 279 
VAL CG1 HG11 sing N N 280 
VAL CG1 HG12 sing N N 281 
VAL CG1 HG13 sing N N 282 
VAL CG2 HG21 sing N N 283 
VAL CG2 HG22 sing N N 284 
VAL CG2 HG23 sing N N 285 
VAL OXT HXT  sing N N 286 
# 
_atom_sites.entry_id                    6ATM 
_atom_sites.fract_transf_matrix[1][1]   0.00059801 
_atom_sites.fract_transf_matrix[1][2]   -0.02067723 
_atom_sites.fract_transf_matrix[1][3]   -0.00962386 
_atom_sites.fract_transf_matrix[2][1]   -0.01952752 
_atom_sites.fract_transf_matrix[2][2]   -0.00155328 
_atom_sites.fract_transf_matrix[2][3]   0.00212388 
_atom_sites.fract_transf_matrix[3][1]   -0.00473447 
_atom_sites.fract_transf_matrix[3][2]   0.01501305 
_atom_sites.fract_transf_matrix[3][3]   -0.03255030 
_atom_sites.fract_transf_vector[1]      0.276277 
_atom_sites.fract_transf_vector[2]      0.167466 
_atom_sites.fract_transf_vector[3]      -0.141925 
# 
loop_
_atom_type.symbol 
C 
N 
O 
S 
# 
loop_
_atom_site.group_PDB 
_atom_site.id 
_atom_site.type_symbol 
_atom_site.label_atom_id 
_atom_site.label_alt_id 
_atom_site.label_comp_id 
_atom_site.label_asym_id 
_atom_site.label_entity_id 
_atom_site.label_seq_id 
_atom_site.pdbx_PDB_ins_code 
_atom_site.Cartn_x 
_atom_site.Cartn_y 
_atom_site.Cartn_z 
_atom_site.occupancy 
_atom_site.B_iso_or_equiv 
_atom_site.pdbx_formal_charge 
_atom_site.auth_seq_id 
_atom_site.auth_comp_id 
_atom_site.auth_asym_id 
_atom_site.auth_atom_id 
_atom_site.pdbx_PDB_model_num 
ATOM   1   N N   . GLY A 1 1  ? 7.961   9.687   2.878   1.00 84.73 ? -1  GLY C N   1 
ATOM   2   C CA  . GLY A 1 1  ? 7.468   10.824  3.714   1.00 81.08 ? -1  GLY C CA  1 
ATOM   3   C C   . GLY A 1 1  ? 6.034   10.622  4.168   1.00 78.60 ? -1  GLY C C   1 
ATOM   4   O O   . GLY A 1 1  ? 5.786   10.230  5.314   1.00 71.45 ? -1  GLY C O   1 
ATOM   5   N N   . SER A 1 2  ? 5.091   10.858  3.252   1.00 71.87 ? 0   SER C N   1 
ATOM   6   C CA  . SER A 1 2  ? 3.651   10.845  3.573   1.00 61.11 ? 0   SER C CA  1 
ATOM   7   C C   . SER A 1 2  ? 2.991   9.442   3.493   1.00 51.16 ? 0   SER C C   1 
ATOM   8   O O   . SER A 1 2  ? 1.961   9.209   4.143   1.00 45.37 ? 0   SER C O   1 
ATOM   9   C CB  . SER A 1 2  ? 2.900   11.827  2.670   1.00 65.73 ? 0   SER C CB  1 
ATOM   10  O OG  . SER A 1 2  ? 3.215   11.612  1.310   1.00 64.15 ? 0   SER C OG  1 
ATOM   11  N N   . GLY A 1 3  ? 3.600   8.522   2.724   1.00 46.21 ? 1   GLY C N   1 
ATOM   12  C CA  . GLY A 1 3  ? 3.123   7.125   2.612   1.00 34.86 ? 1   GLY C CA  1 
ATOM   13  C C   . GLY A 1 3  ? 3.258   6.347   3.914   1.00 30.61 ? 1   GLY C C   1 
ATOM   14  O O   . GLY A 1 3  ? 4.081   6.692   4.766   1.00 25.86 ? 1   GLY C O   1 
ATOM   15  N N   . VAL A 1 4  ? 2.386   5.345   4.104   1.00 20.49 ? 2   VAL C N   1 
ATOM   16  C CA  . VAL A 1 4  ? 2.292   4.627   5.352   1.00 17.79 ? 2   VAL C CA  1 
ATOM   17  C C   . VAL A 1 4  ? 2.521   3.132   5.072   1.00 17.33 ? 2   VAL C C   1 
ATOM   18  O O   . VAL A 1 4  ? 1.656   2.476   4.466   1.00 17.02 ? 2   VAL C O   1 
ATOM   19  C CB  . VAL A 1 4  ? 0.916   4.853   6.012   1.00 21.23 ? 2   VAL C CB  1 
ATOM   20  C CG1 . VAL A 1 4  ? 0.852   4.162   7.335   1.00 24.53 ? 2   VAL C CG1 1 
ATOM   21  C CG2 . VAL A 1 4  ? 0.665   6.360   6.188   1.00 28.62 ? 2   VAL C CG2 1 
ATOM   22  N N   . PRO A 1 5  ? 3.691   2.586   5.492   1.00 19.79 ? 3   PRO C N   1 
ATOM   23  C CA  . PRO A 1 5  ? 3.900   1.140   5.224   1.00 19.11 ? 3   PRO C CA  1 
ATOM   24  C C   . PRO A 1 5  ? 2.924   0.242   5.967   1.00 19.72 ? 3   PRO C C   1 
ATOM   25  O O   . PRO A 1 5  ? 2.581   0.481   7.133   1.00 17.74 ? 3   PRO C O   1 
ATOM   26  C CB  . PRO A 1 5  ? 5.341   0.881   5.668   1.00 21.02 ? 3   PRO C CB  1 
ATOM   27  C CG  . PRO A 1 5  ? 5.643   1.953   6.648   1.00 24.41 ? 3   PRO C CG  1 
ATOM   28  C CD  . PRO A 1 5  ? 4.815   3.170   6.252   1.00 21.72 ? 3   PRO C CD  1 
ATOM   29  N N   . ILE A 1 6  ? 2.467   -0.781  5.279   1.00 16.16 ? 4   ILE C N   1 
ATOM   30  C CA  . ILE A 1 6  ? 1.744   -1.886  5.911   1.00 17.70 ? 4   ILE C CA  1 
ATOM   31  C C   . ILE A 1 6  ? 2.497   -3.143  5.549   1.00 15.89 ? 4   ILE C C   1 
ATOM   32  O O   . ILE A 1 6  ? 3.247   -3.171  4.573   1.00 14.53 ? 4   ILE C O   1 
ATOM   33  C CB  . ILE A 1 6  ? 0.279   -1.979  5.422   1.00 18.31 ? 4   ILE C CB  1 
ATOM   34  C CG1 . ILE A 1 6  ? 0.205   -2.239  3.899   1.00 18.98 ? 4   ILE C CG1 1 
ATOM   35  C CG2 . ILE A 1 6  ? -0.464  -0.705  5.792   1.00 19.81 ? 4   ILE C CG2 1 
ATOM   36  C CD1 . ILE A 1 6  ? -1.181  -2.465  3.360   1.00 20.99 ? 4   ILE C CD1 1 
ATOM   37  N N   . ASN A 1 7  ? 2.286   -4.189  6.308   1.00 15.96 ? 5   ASN C N   1 
ATOM   38  C CA  . ASN A 1 7  ? 3.082   -5.403  6.158   1.00 18.49 ? 5   ASN C CA  1 
ATOM   39  C C   . ASN A 1 7  ? 2.442   -6.357  5.159   1.00 19.15 ? 5   ASN C C   1 
ATOM   40  O O   . ASN A 1 7  ? 2.123   -7.551  5.444   1.00 16.62 ? 5   ASN C O   1 
ATOM   41  C CB  . ASN A 1 7  ? 3.341   -6.013  7.549   1.00 20.37 ? 5   ASN C CB  1 
ATOM   42  C CG  . ASN A 1 7  ? 4.458   -5.298  8.290   1.00 20.97 ? 5   ASN C CG  1 
ATOM   43  O OD1 . ASN A 1 7  ? 5.154   -4.428  7.720   1.00 19.97 ? 5   ASN C OD1 1 
ATOM   44  N ND2 . ASN A 1 7  ? 4.656   -5.659  9.556   1.00 22.46 ? 5   ASN C ND2 1 
ATOM   45  N N   . VAL A 1 8  ? 2.336   -5.844  3.935   1.00 18.72 ? 6   VAL C N   1 
ATOM   46  C CA  . VAL A 1 8  ? 1.794   -6.578  2.834   1.00 17.78 ? 6   VAL C CA  1 
ATOM   47  C C   . VAL A 1 8  ? 2.806   -6.511  1.675   1.00 17.37 ? 6   VAL C C   1 
ATOM   48  O O   . VAL A 1 8  ? 3.216   -5.432  1.273   1.00 14.29 ? 6   VAL C O   1 
ATOM   49  C CB  . VAL A 1 8  ? 0.456   -5.977  2.372   1.00 20.09 ? 6   VAL C CB  1 
ATOM   50  C CG1 . VAL A 1 8  ? 0.006   -6.565  1.037   1.00 21.20 ? 6   VAL C CG1 1 
ATOM   51  C CG2 . VAL A 1 8  ? -0.615  -6.192  3.433   1.00 19.69 ? 6   VAL C CG2 1 
ATOM   52  N N   . LYS A 1 9  ? 3.104   -7.651  1.087   1.00 16.64 ? 7   LYS C N   1 
ATOM   53  C CA  . LYS A 1 9  ? 4.061   -7.723  -0.058  1.00 19.12 ? 7   LYS C CA  1 
ATOM   54  C C   . LYS A 1 9  ? 3.338   -7.518  -1.361  1.00 19.05 ? 7   LYS C C   1 
ATOM   55  O O   . LYS A 1 9  ? 2.100   -7.773  -1.469  1.00 18.49 ? 7   LYS C O   1 
ATOM   56  C CB  . LYS A 1 9  ? 4.779   -9.071  -0.086  1.00 19.86 ? 7   LYS C CB  1 
ATOM   57  C CG  . LYS A 1 9  ? 5.649   -9.301  1.115   1.00 31.74 ? 7   LYS C CG  1 
ATOM   58  C CD  . LYS A 1 9  ? 6.969   -8.579  1.022   1.00 26.72 ? 7   LYS C CD  1 
ATOM   59  C CE  . LYS A 1 9  ? 7.817   -9.128  -0.072  1.00 25.38 ? 7   LYS C CE  1 
ATOM   60  N NZ  . LYS A 1 9  ? 9.231   -8.873  0.237   1.00 26.06 ? 7   LYS C NZ  1 
ATOM   61  N N   . CYS A 1 10 ? 4.073   -7.073  -2.390  1.00 16.21 ? 8   CYS C N   1 
ATOM   62  C CA  . CYS A 1 10 ? 3.409   -6.714  -3.645  1.00 18.71 ? 8   CYS C CA  1 
ATOM   63  C C   . CYS A 1 10 ? 4.346   -6.898  -4.813  1.00 21.02 ? 8   CYS C C   1 
ATOM   64  O O   . CYS A 1 10 ? 5.594   -6.726  -4.669  1.00 15.15 ? 8   CYS C O   1 
ATOM   65  C CB  . CYS A 1 10 ? 2.883   -5.255  -3.575  1.00 20.07 ? 8   CYS C CB  1 
ATOM   66  S SG  . CYS A 1 10 ? 4.134   -4.077  -3.034  1.00 15.72 ? 8   CYS C SG  1 
ATOM   67  N N   . ARG A 1 11 ? 3.776   -7.254  -5.969  1.00 22.15 ? 9   ARG C N   1 
ATOM   68  C CA  . ARG A 1 11 ? 4.542   -7.157  -7.238  1.00 25.91 ? 9   ARG C CA  1 
ATOM   69  C C   . ARG A 1 11 ? 4.389   -5.791  -7.931  1.00 30.78 ? 9   ARG C C   1 
ATOM   70  O O   . ARG A 1 11 ? 5.312   -5.309  -8.574  1.00 30.40 ? 9   ARG C O   1 
ATOM   71  C CB  . ARG A 1 11 ? 4.268   -8.342  -8.214  1.00 35.16 ? 9   ARG C CB  1 
ATOM   72  C CG  . ARG A 1 11 ? 2.847   -8.835  -8.356  1.00 39.62 ? 9   ARG C CG  1 
ATOM   73  C CD  . ARG A 1 11 ? 2.668   -9.670  -9.637  1.00 38.35 ? 9   ARG C CD  1 
ATOM   74  N NE  . ARG A 1 11 ? 1.373   -9.415  -10.285 1.00 46.10 ? 9   ARG C NE  1 
ATOM   75  C CZ  . ARG A 1 11 ? 1.083   -9.702  -11.564 1.00 41.45 ? 9   ARG C CZ  1 
ATOM   76  N NH1 . ARG A 1 11 ? 1.993   -10.257 -12.387 1.00 35.38 ? 9   ARG C NH1 1 
ATOM   77  N NH2 . ARG A 1 11 ? -0.120  -9.429  -12.029 1.00 45.66 ? 9   ARG C NH2 1 
ATOM   78  N N   . GLY A 1 12 ? 3.266   -5.126  -7.705  1.00 21.91 ? 10  GLY C N   1 
ATOM   79  C CA  . GLY A 1 12 ? 3.013   -3.851  -8.317  1.00 24.16 ? 10  GLY C CA  1 
ATOM   80  C C   . GLY A 1 12 ? 1.931   -3.173  -7.521  1.00 20.06 ? 10  GLY C C   1 
ATOM   81  O O   . GLY A 1 12 ? 1.367   -3.778  -6.589  1.00 18.53 ? 10  GLY C O   1 
ATOM   82  N N   . SER A 1 13 ? 1.723   -1.907  -7.806  1.00 22.30 ? 11  SER C N   1 
ATOM   83  C CA  . SER A 1 13 ? 0.914   -1.056  -6.938  1.00 24.64 ? 11  SER C CA  1 
ATOM   84  C C   . SER A 1 13 ? -0.579  -1.525  -6.910  1.00 26.56 ? 11  SER C C   1 
ATOM   85  O O   . SER A 1 13 ? -1.215  -1.328  -5.903  1.00 24.25 ? 11  SER C O   1 
ATOM   86  C CB  . SER A 1 13 ? 1.094   0.481   -7.262  1.00 26.24 ? 11  SER C CB  1 
ATOM   87  O OG  . SER A 1 13 ? 2.476   0.994   -7.030  1.00 22.28 ? 11  SER C OG  1 
ATOM   88  N N   . ARG A 1 14 ? -1.064  -2.296  -7.917  1.00 28.05 ? 12  ARG C N   1 
ATOM   89  C CA  . ARG A 1 14 ? -2.469  -2.873  -7.886  1.00 30.09 ? 12  ARG C CA  1 
ATOM   90  C C   . ARG A 1 14 ? -2.680  -3.796  -6.713  1.00 24.15 ? 12  ARG C C   1 
ATOM   91  O O   . ARG A 1 14 ? -3.755  -3.844  -6.137  1.00 27.73 ? 12  ARG C O   1 
ATOM   92  C CB  . ARG A 1 14 ? -2.810  -3.682  -9.165  1.00 37.36 ? 12  ARG C CB  1 
ATOM   93  C CG  . ARG A 1 14 ? -4.172  -4.423  -9.121  1.00 42.81 ? 12  ARG C CG  1 
ATOM   94  C CD  . ARG A 1 14 ? -5.345  -3.447  -8.927  1.00 41.04 ? 12  ARG C CD  1 
ATOM   95  N NE  . ARG A 1 14 ? -6.671  -4.070  -9.020  1.00 37.73 ? 12  ARG C NE  1 
ATOM   96  C CZ  . ARG A 1 14 ? -7.359  -4.266  -10.162 1.00 32.94 ? 12  ARG C CZ  1 
ATOM   97  N NH1 . ARG A 1 14 ? -8.560  -4.835  -10.098 1.00 38.11 ? 12  ARG C NH1 1 
ATOM   98  N NH2 . ARG A 1 14 ? -6.842  -3.955  -11.369 1.00 26.46 ? 12  ARG C NH2 1 
ATOM   99  N N   . ASP A 1 15 ? -1.653  -4.586  -6.387  1.00 20.35 ? 13  ASP C N   1 
ATOM   100 C CA  . ASP A 1 15 ? -1.696  -5.475  -5.231  1.00 20.50 ? 13  ASP C CA  1 
ATOM   101 C C   . ASP A 1 15 ? -1.994  -4.731  -3.936  1.00 16.87 ? 13  ASP C C   1 
ATOM   102 O O   . ASP A 1 15 ? -2.413  -5.351  -2.965  1.00 22.51 ? 13  ASP C O   1 
ATOM   103 C CB  . ASP A 1 15 ? -0.345  -6.193  -5.054  1.00 20.82 ? 13  ASP C CB  1 
ATOM   104 C CG  . ASP A 1 15 ? -0.005  -7.110  -6.209  1.00 27.34 ? 13  ASP C CG  1 
ATOM   105 O OD1 . ASP A 1 15 ? -0.798  -7.195  -7.211  1.00 22.20 ? 13  ASP C OD1 1 
ATOM   106 O OD2 . ASP A 1 15 ? 1.042   -7.767  -6.064  1.00 23.40 ? 13  ASP C OD2 1 
ATOM   107 N N   . CYS A 1 16 ? -1.649  -3.441  -3.883  1.00 17.10 ? 14  CYS C N   1 
ATOM   108 C CA  . CYS A 1 16 ? -1.801  -2.663  -2.643  1.00 15.76 ? 14  CYS C CA  1 
ATOM   109 C C   . CYS A 1 16 ? -3.154  -2.006  -2.444  1.00 18.06 ? 14  CYS C C   1 
ATOM   110 O O   . CYS A 1 16 ? -3.408  -1.421  -1.377  1.00 17.04 ? 14  CYS C O   1 
ATOM   111 C CB  . CYS A 1 16 ? -0.716  -1.589  -2.566  1.00 15.18 ? 14  CYS C CB  1 
ATOM   112 S SG  . CYS A 1 16 ? 0.931   -2.334  -2.572  1.00 16.06 ? 14  CYS C SG  1 
ATOM   113 N N   . LEU A 1 17 ? -3.997  -2.067  -3.456  1.00 18.39 ? 15  LEU C N   1 
ATOM   114 C CA  . LEU A 1 17 ? -5.236  -1.303  -3.462  1.00 18.53 ? 15  LEU C CA  1 
ATOM   115 C C   . LEU A 1 17 ? -6.197  -1.835  -2.413  1.00 17.15 ? 15  LEU C C   1 
ATOM   116 O O   . LEU A 1 17 ? -6.621  -1.077  -1.520  1.00 18.25 ? 15  LEU C O   1 
ATOM   117 C CB  . LEU A 1 17 ? -5.852  -1.299  -4.855  1.00 20.27 ? 15  LEU C CB  1 
ATOM   118 C CG  . LEU A 1 17 ? -7.241  -0.646  -4.932  1.00 22.50 ? 15  LEU C CG  1 
ATOM   119 C CD1 . LEU A 1 17 ? -7.205  0.785   -4.405  1.00 22.76 ? 15  LEU C CD1 1 
ATOM   120 C CD2 . LEU A 1 17 ? -7.746  -0.698  -6.344  1.00 21.84 ? 15  LEU C CD2 1 
ATOM   121 N N   . ASP A 1 18 ? -6.535  -3.119  -2.477  1.00 18.34 ? 16  ASP C N   1 
ATOM   122 C CA  . ASP A 1 18 ? -7.507  -3.693  -1.510  1.00 19.96 ? 16  ASP C CA  1 
ATOM   123 C C   . ASP A 1 18 ? -7.020  -3.640  -0.068  1.00 20.49 ? 16  ASP C C   1 
ATOM   124 O O   . ASP A 1 18 ? -7.756  -3.210  0.793   1.00 19.02 ? 16  ASP C O   1 
ATOM   125 C CB  . ASP A 1 18 ? -7.950  -5.109  -1.898  1.00 27.52 ? 16  ASP C CB  1 
ATOM   126 C CG  . ASP A 1 18 ? -8.929  -5.117  -3.079  1.00 40.10 ? 16  ASP C CG  1 
ATOM   127 O OD1 . ASP A 1 18 ? -9.448  -4.042  -3.463  1.00 41.60 ? 16  ASP C OD1 1 
ATOM   128 O OD2 . ASP A 1 18 ? -9.139  -6.206  -3.654  1.00 47.28 ? 16  ASP C OD2 1 
ATOM   129 N N   . PRO A 1 19 ? -5.735  -4.000  0.181   1.00 16.90 ? 17  PRO C N   1 
ATOM   130 C CA  . PRO A 1 19 ? -5.260  -3.919  1.565   1.00 17.88 ? 17  PRO C CA  1 
ATOM   131 C C   . PRO A 1 19 ? -5.208  -2.488  2.120   1.00 16.90 ? 17  PRO C C   1 
ATOM   132 O O   . PRO A 1 19 ? -5.590  -2.262  3.263   1.00 17.92 ? 17  PRO C O   1 
ATOM   133 C CB  . PRO A 1 19 ? -3.840  -4.541  1.516   1.00 19.84 ? 17  PRO C CB  1 
ATOM   134 C CG  . PRO A 1 19 ? -3.511  -4.734  0.085   1.00 21.08 ? 17  PRO C CG  1 
ATOM   135 C CD  . PRO A 1 19 ? -4.795  -4.730  -0.699  1.00 21.85 ? 17  PRO C CD  1 
ATOM   136 N N   . CYS A 1 20 ? -4.769  -1.530  1.301   1.00 14.43 ? 18  CYS C N   1 
ATOM   137 C CA  . CYS A 1 20 ? -4.696  -0.159  1.727   1.00 15.28 ? 18  CYS C CA  1 
ATOM   138 C C   . CYS A 1 20 ? -6.087  0.401   2.024   1.00 17.16 ? 18  CYS C C   1 
ATOM   139 O O   . CYS A 1 20 ? -6.283  1.083   3.037   1.00 16.68 ? 18  CYS C O   1 
ATOM   140 C CB  . CYS A 1 20 ? -3.956  0.692   0.708   1.00 16.14 ? 18  CYS C CB  1 
ATOM   141 S SG  . CYS A 1 20 ? -2.150  0.419   0.783   1.00 16.00 ? 18  CYS C SG  1 
ATOM   142 N N   . LYS A 1 21 ? -7.067  -0.001  1.233   1.00 15.27 ? 19  LYS C N   1 
ATOM   143 C CA  . LYS A 1 21 ? -8.455  0.430   1.510   1.00 17.36 ? 19  LYS C CA  1 
ATOM   144 C C   . LYS A 1 21 ? -8.973  -0.172  2.837   1.00 19.48 ? 19  LYS C C   1 
ATOM   145 O O   . LYS A 1 21 ? -9.577  0.525   3.654   1.00 18.74 ? 19  LYS C O   1 
ATOM   146 C CB  . LYS A 1 21 ? -9.368  0.082   0.341   1.00 16.59 ? 19  LYS C CB  1 
ATOM   147 C CG  . LYS A 1 21 ? -9.165  1.073   -0.794  1.00 18.57 ? 19  LYS C CG  1 
ATOM   148 C CD  . LYS A 1 21 ? -9.644  0.573   -2.125  1.00 23.33 ? 19  LYS C CD  1 
ATOM   149 C CE  . LYS A 1 21 ? -11.096 0.631   -2.312  1.00 28.90 ? 19  LYS C CE  1 
ATOM   150 N NZ  . LYS A 1 21 ? -11.458 -0.320  -3.415  1.00 25.42 ? 19  LYS C NZ  1 
ATOM   151 N N   . LYS A 1 22 ? -8.659  -1.439  3.062   1.00 23.19 ? 20  LYS C N   1 
ATOM   152 C CA  . LYS A 1 22 ? -9.105  -2.142  4.273   1.00 24.59 ? 20  LYS C CA  1 
ATOM   153 C C   . LYS A 1 22 ? -8.411  -1.621  5.536   1.00 23.82 ? 20  LYS C C   1 
ATOM   154 O O   . LYS A 1 22 ? -8.998  -1.619  6.629   1.00 27.19 ? 20  LYS C O   1 
ATOM   155 C CB  . LYS A 1 22 ? -8.943  -3.649  4.101   1.00 29.19 ? 20  LYS C CB  1 
ATOM   156 C CG  . LYS A 1 22 ? -9.974  -4.247  3.167   1.00 33.17 ? 20  LYS C CG  1 
ATOM   157 C CD  . LYS A 1 22 ? -9.660  -5.696  2.862   1.00 34.66 ? 20  LYS C CD  1 
ATOM   158 C CE  . LYS A 1 22 ? -10.450 -6.212  1.667   1.00 50.22 ? 20  LYS C CE  1 
ATOM   159 N NZ  . LYS A 1 22 ? -10.086 -7.634  1.350   1.00 53.51 ? 20  LYS C NZ  1 
ATOM   160 N N   . ALA A 1 23 ? -7.248  -1.009  5.351   1.00 19.84 ? 21  ALA C N   1 
ATOM   161 C CA  . ALA A 1 23 ? -6.498  -0.424  6.427   1.00 20.70 ? 21  ALA C CA  1 
ATOM   162 C C   . ALA A 1 23 ? -6.910  1.033   6.703   1.00 23.58 ? 21  ALA C C   1 
ATOM   163 O O   . ALA A 1 23 ? -6.246  1.728   7.468   1.00 24.92 ? 21  ALA C O   1 
ATOM   164 C CB  . ALA A 1 23 ? -5.008  -0.521  6.126   1.00 19.68 ? 21  ALA C CB  1 
ATOM   165 N N   . GLY A 1 24 ? -7.922  1.505   5.984   1.00 22.93 ? 22  GLY C N   1 
ATOM   166 C CA  . GLY A 1 24 ? -8.521  2.824   6.227   1.00 21.92 ? 22  GLY C CA  1 
ATOM   167 C C   . GLY A 1 24 ? -7.987  3.906   5.303   1.00 25.61 ? 22  GLY C C   1 
ATOM   168 O O   . GLY A 1 24 ? -8.235  5.088   5.524   1.00 26.53 ? 22  GLY C O   1 
ATOM   169 N N   . MET A 1 25 ? -7.226  3.526   4.271   1.00 20.73 ? 23  MET C N   1 
ATOM   170 C CA  . MET A 1 25 ? -6.528  4.517   3.491   1.00 17.49 ? 23  MET C CA  1 
ATOM   171 C C   . MET A 1 25 ? -7.050  4.578   2.041   1.00 17.10 ? 23  MET C C   1 
ATOM   172 O O   . MET A 1 25 ? -8.032  3.916   1.704   1.00 17.59 ? 23  MET C O   1 
ATOM   173 C CB  . MET A 1 25 ? -5.014  4.292   3.633   1.00 26.25 ? 23  MET C CB  1 
ATOM   174 C CG  . MET A 1 25 ? -4.610  4.753   5.055   1.00 27.50 ? 23  MET C CG  1 
ATOM   175 S SD  . MET A 1 25 ? -2.910  4.666   5.479   1.00 27.18 ? 23  MET C SD  1 
ATOM   176 C CE  . MET A 1 25 ? -2.890  3.015   6.186   1.00 30.34 ? 23  MET C CE  1 
ATOM   177 N N   . ARG A 1 26 ? -6.483  5.446   1.203   1.00 14.90 ? 24  ARG C N   1 
ATOM   178 C CA  . ARG A 1 26 ? -7.143  5.747   -0.075  1.00 16.01 ? 24  ARG C CA  1 
ATOM   179 C C   . ARG A 1 26 ? -6.762  4.779   -1.192  1.00 16.27 ? 24  ARG C C   1 
ATOM   180 O O   . ARG A 1 26 ? -7.580  4.443   -2.014  1.00 16.41 ? 24  ARG C O   1 
ATOM   181 C CB  . ARG A 1 26 ? -6.871  7.166   -0.483  1.00 17.80 ? 24  ARG C CB  1 
ATOM   182 C CG  . ARG A 1 26 ? -7.481  8.138   0.505   1.00 22.69 ? 24  ARG C CG  1 
ATOM   183 C CD  . ARG A 1 26 ? -7.629  9.491   -0.113  1.00 22.49 ? 24  ARG C CD  1 
ATOM   184 N NE  . ARG A 1 26 ? -6.491  10.358  0.192   1.00 21.86 ? 24  ARG C NE  1 
ATOM   185 C CZ  . ARG A 1 26 ? -6.266  11.504  -0.432  1.00 35.37 ? 24  ARG C CZ  1 
ATOM   186 N NH1 . ARG A 1 26 ? -7.076  11.910  -1.422  1.00 33.08 ? 24  ARG C NH1 1 
ATOM   187 N NH2 . ARG A 1 26 ? -5.248  12.261  -0.057  1.00 35.92 ? 24  ARG C NH2 1 
ATOM   188 N N   . PHE A 1 27 ? -5.489  4.411   -1.216  1.00 14.49 ? 25  PHE C N   1 
ATOM   189 C CA  . PHE A 1 27 ? -4.913  3.468   -2.191  1.00 15.29 ? 25  PHE C CA  1 
ATOM   190 C C   . PHE A 1 27 ? -3.461  3.259   -1.753  1.00 15.41 ? 25  PHE C C   1 
ATOM   191 O O   . PHE A 1 27 ? -3.047  3.810   -0.714  1.00 15.48 ? 25  PHE C O   1 
ATOM   192 C CB  . PHE A 1 27 ? -5.008  4.029   -3.631  1.00 15.41 ? 25  PHE C CB  1 
ATOM   193 C CG  . PHE A 1 27 ? -4.324  5.334   -3.824  1.00 15.32 ? 25  PHE C CG  1 
ATOM   194 C CD1 . PHE A 1 27 ? -5.014  6.530   -3.660  1.00 19.18 ? 25  PHE C CD1 1 
ATOM   195 C CD2 . PHE A 1 27 ? -2.988  5.391   -4.176  1.00 16.53 ? 25  PHE C CD2 1 
ATOM   196 C CE1 . PHE A 1 27 ? -4.370  7.724   -3.804  1.00 18.17 ? 25  PHE C CE1 1 
ATOM   197 C CE2 . PHE A 1 27 ? -2.362  6.601   -4.381  1.00 16.58 ? 25  PHE C CE2 1 
ATOM   198 C CZ  . PHE A 1 27 ? -3.045  7.764   -4.163  1.00 17.92 ? 25  PHE C CZ  1 
ATOM   199 N N   . GLY A 1 28 ? -2.679  2.486   -2.537  1.00 17.49 ? 26  GLY C N   1 
ATOM   200 C CA  . GLY A 1 28 ? -1.313  2.212   -2.185  1.00 18.32 ? 26  GLY C CA  1 
ATOM   201 C C   . GLY A 1 28 ? -0.331  2.168   -3.349  1.00 17.09 ? 26  GLY C C   1 
ATOM   202 O O   . GLY A 1 28 ? -0.730  2.130   -4.505  1.00 16.78 ? 26  GLY C O   1 
ATOM   203 N N   . LYS A 1 29 ? 0.940   2.302   -3.002  1.00 16.49 ? 27  LYS C N   1 
ATOM   204 C CA  . LYS A 1 29 ? 2.054   2.196   -3.925  1.00 19.12 ? 27  LYS C CA  1 
ATOM   205 C C   . LYS A 1 29 ? 2.899   1.041   -3.466  1.00 19.59 ? 27  LYS C C   1 
ATOM   206 O O   . LYS A 1 29 ? 3.102   0.855   -2.238  1.00 18.07 ? 27  LYS C O   1 
ATOM   207 C CB  . LYS A 1 29 ? 2.899   3.451   -3.879  1.00 23.20 ? 27  LYS C CB  1 
ATOM   208 C CG  . LYS A 1 29 ? 2.211   4.733   -4.263  1.00 27.82 ? 27  LYS C CG  1 
ATOM   209 C CD  . LYS A 1 29 ? 3.260   5.822   -4.211  1.00 35.47 ? 27  LYS C CD  1 
ATOM   210 C CE  . LYS A 1 29 ? 2.692   7.169   -4.538  1.00 45.98 ? 27  LYS C CE  1 
ATOM   211 N NZ  . LYS A 1 29 ? 3.679   8.237   -4.206  1.00 54.43 ? 27  LYS C NZ  1 
ATOM   212 N N   . CYS A 1 30 ? 3.432   0.283   -4.418  1.00 14.36 ? 28  CYS C N   1 
ATOM   213 C CA  . CYS A 1 30 ? 4.290   -0.857  -4.093  1.00 13.89 ? 28  CYS C CA  1 
ATOM   214 C C   . CYS A 1 30 ? 5.749   -0.351  -4.159  1.00 17.72 ? 28  CYS C C   1 
ATOM   215 O O   . CYS A 1 30 ? 6.245   0.024   -5.256  1.00 16.61 ? 28  CYS C O   1 
ATOM   216 C CB  . CYS A 1 30 ? 4.107   -1.947  -5.128  1.00 16.24 ? 28  CYS C CB  1 
ATOM   217 S SG  . CYS A 1 30 ? 5.045   -3.432  -4.767  1.00 16.64 ? 28  CYS C SG  1 
ATOM   218 N N   . ILE A 1 31 ? 6.412   -0.315  -3.013  1.00 14.46 ? 29  ILE C N   1 
ATOM   219 C CA  . ILE A 1 31 ? 7.760   0.248   -2.901  1.00 15.26 ? 29  ILE C CA  1 
ATOM   220 C C   . ILE A 1 31 ? 8.706   -0.834  -2.376  1.00 15.30 ? 29  ILE C C   1 
ATOM   221 O O   . ILE A 1 31 ? 8.508   -1.349  -1.260  1.00 16.03 ? 29  ILE C O   1 
ATOM   222 C CB  . ILE A 1 31 ? 7.778   1.475   -1.969  1.00 16.49 ? 29  ILE C CB  1 
ATOM   223 C CG1 . ILE A 1 31 ? 6.854   2.563   -2.498  1.00 20.16 ? 29  ILE C CG1 1 
ATOM   224 C CG2 . ILE A 1 31 ? 9.199   1.991   -1.833  1.00 18.21 ? 29  ILE C CG2 1 
ATOM   225 C CD1 . ILE A 1 31 ? 6.822   3.839   -1.646  1.00 21.32 ? 29  ILE C CD1 1 
ATOM   226 N N   . ASN A 1 32 ? 9.722   -1.175  -3.184  1.00 16.04 ? 30  ASN C N   1 
ATOM   227 C CA  . ASN A 1 32 ? 10.558  -2.356  -2.947  1.00 18.38 ? 30  ASN C CA  1 
ATOM   228 C C   . ASN A 1 32 ? 9.734   -3.553  -2.481  1.00 17.54 ? 30  ASN C C   1 
ATOM   229 O O   . ASN A 1 32 ? 10.038  -4.178  -1.436  1.00 14.91 ? 30  ASN C O   1 
ATOM   230 C CB  . ASN A 1 32 ? 11.651  -2.080  -1.904  1.00 19.97 ? 30  ASN C CB  1 
ATOM   231 C CG  . ASN A 1 32 ? 12.769  -3.169  -1.931  1.00 25.69 ? 30  ASN C CG  1 
ATOM   232 O OD1 . ASN A 1 32 ? 13.095  -3.739  -3.012  1.00 26.57 ? 30  ASN C OD1 1 
ATOM   233 N ND2 . ASN A 1 32 ? 13.312  -3.495  -0.748  1.00 27.18 ? 30  ASN C ND2 1 
ATOM   234 N N   . SER A 1 33 ? 8.686   -3.853  -3.226  1.00 15.31 ? 31  SER C N   1 
ATOM   235 C CA  . SER A 1 33 ? 7.858   -5.045  -2.989  1.00 18.95 ? 31  SER C CA  1 
ATOM   236 C C   . SER A 1 33 ? 7.023   -5.032  -1.694  1.00 16.69 ? 31  SER C C   1 
ATOM   237 O O   . SER A 1 33 ? 6.576   -6.100  -1.224  1.00 15.52 ? 31  SER C O   1 
ATOM   238 C CB  . SER A 1 33 ? 8.727   -6.330  -3.070  1.00 20.23 ? 31  SER C CB  1 
ATOM   239 O OG  . SER A 1 33 ? 9.370   -6.412  -4.330  1.00 19.78 ? 31  SER C OG  1 
ATOM   240 N N   . LYS A 1 34 ? 6.845   -3.846  -1.095  1.00 14.29 ? 32  LYS C N   1 
ATOM   241 C CA  . LYS A 1 34 ? 6.009   -3.693  0.080   1.00 14.72 ? 32  LYS C CA  1 
ATOM   242 C C   . LYS A 1 34 ? 5.018   -2.541  -0.096  1.00 14.66 ? 32  LYS C C   1 
ATOM   243 O O   . LYS A 1 34 ? 5.374   -1.496  -0.630  1.00 14.77 ? 32  LYS C O   1 
ATOM   244 C CB  . LYS A 1 34 ? 6.859   -3.397  1.304   1.00 19.59 ? 32  LYS C CB  1 
ATOM   245 C CG  . LYS A 1 34 ? 6.027   -3.522  2.590   1.00 27.18 ? 32  LYS C CG  1 
ATOM   246 C CD  . LYS A 1 34 ? 6.441   -2.549  3.675   1.00 33.86 ? 32  LYS C CD  1 
ATOM   247 C CE  . LYS A 1 34 ? 7.051   -3.251  4.840   1.00 37.64 ? 32  LYS C CE  1 
ATOM   248 N NZ  . LYS A 1 34 ? 7.403   -2.263  5.899   1.00 49.62 ? 32  LYS C NZ  1 
ATOM   249 N N   . CYS A 1 35 ? 3.794   -2.712  0.373   1.00 13.41 ? 33  CYS C N   1 
ATOM   250 C CA  . CYS A 1 35 ? 2.765   -1.674  0.194   1.00 13.18 ? 33  CYS C CA  1 
ATOM   251 C C   . CYS A 1 35 ? 2.942   -0.496  1.148   1.00 16.29 ? 33  CYS C C   1 
ATOM   252 O O   . CYS A 1 35 ? 3.124   -0.676  2.382   1.00 15.31 ? 33  CYS C O   1 
ATOM   253 C CB  . CYS A 1 35 ? 1.367   -2.276  0.351   1.00 14.66 ? 33  CYS C CB  1 
ATOM   254 S SG  . CYS A 1 35 ? 0.970   -3.471  -0.917  1.00 17.09 ? 33  CYS C SG  1 
ATOM   255 N N   . HIS A 1 36 ? 2.954   0.699   0.569   1.00 14.97 ? 34  HIS C N   1 
ATOM   256 C CA  . HIS A 1 36 ? 2.914   1.927   1.286   1.00 17.87 ? 34  HIS C CA  1 
ATOM   257 C C   . HIS A 1 36 ? 1.636   2.610   0.893   1.00 19.29 ? 34  HIS C C   1 
ATOM   258 O O   . HIS A 1 36 ? 1.467   2.997   -0.276  1.00 19.96 ? 34  HIS C O   1 
ATOM   259 C CB  . HIS A 1 36 ? 4.090   2.818   0.897   1.00 17.51 ? 34  HIS C CB  1 
ATOM   260 C CG  . HIS A 1 36 ? 5.403   2.323   1.407   1.00 20.58 ? 34  HIS C CG  1 
ATOM   261 N ND1 . HIS A 1 36 ? 6.283   3.118   2.111   1.00 19.69 ? 34  HIS C ND1 1 
ATOM   262 C CD2 . HIS A 1 36 ? 5.991   1.107   1.297   1.00 18.68 ? 34  HIS C CD2 1 
ATOM   263 C CE1 . HIS A 1 36 ? 7.345   2.395   2.444   1.00 26.19 ? 34  HIS C CE1 1 
ATOM   264 N NE2 . HIS A 1 36 ? 7.184   1.167   1.969   1.00 19.49 ? 34  HIS C NE2 1 
ATOM   265 N N   . CYS A 1 37 ? 0.762   2.814   1.862   1.00 15.64 ? 35  CYS C N   1 
ATOM   266 C CA  . CYS A 1 37 ? -0.584  3.381   1.600   1.00 15.78 ? 35  CYS C CA  1 
ATOM   267 C C   . CYS A 1 37 ? -0.566  4.901   1.638   1.00 20.09 ? 35  CYS C C   1 
ATOM   268 O O   . CYS A 1 37 ? 0.213   5.511   2.407   1.00 16.86 ? 35  CYS C O   1 
ATOM   269 C CB  . CYS A 1 37 ? -1.613  2.836   2.622   1.00 16.43 ? 35  CYS C CB  1 
ATOM   270 S SG  . CYS A 1 37 ? -1.630  1.016   2.664   1.00 17.12 ? 35  CYS C SG  1 
ATOM   271 N N   . THR A 1 38 ? -1.384  5.508   0.768   1.00 17.67 ? 36  THR C N   1 
ATOM   272 C CA  . THR A 1 38 ? -1.660  6.938   0.806   1.00 20.57 ? 36  THR C CA  1 
ATOM   273 C C   . THR A 1 38 ? -2.879  7.239   1.640   1.00 18.61 ? 36  THR C C   1 
ATOM   274 O O   . THR A 1 38 ? -3.980  6.757   1.341   1.00 16.54 ? 36  THR C O   1 
ATOM   275 C CB  . THR A 1 38 ? -1.844  7.478   -0.632  1.00 24.88 ? 36  THR C CB  1 
ATOM   276 O OG1 . THR A 1 38 ? -0.628  7.246   -1.357  1.00 24.69 ? 36  THR C OG1 1 
ATOM   277 C CG2 . THR A 1 38 ? -2.175  8.979   -0.624  1.00 25.02 ? 36  THR C CG2 1 
ATOM   278 N N   . PRO A 1 39 ? -2.690  7.963   2.764   1.00 22.29 ? 37  PRO C N   1 
ATOM   279 C CA  . PRO A 1 39 ? -3.816  8.195   3.670   1.00 25.03 ? 37  PRO C CA  1 
ATOM   280 C C   . PRO A 1 39 ? -4.826  9.179   3.108   1.00 21.66 ? 37  PRO C C   1 
ATOM   281 O O   . PRO A 1 39 ? -4.500  9.989   2.251   1.00 21.18 ? 37  PRO C O   1 
ATOM   282 C CB  . PRO A 1 39 ? -3.143  8.768   4.938   1.00 25.79 ? 37  PRO C CB  1 
ATOM   283 C CG  . PRO A 1 39 ? -1.867  9.294   4.493   1.00 26.01 ? 37  PRO C CG  1 
ATOM   284 C CD  . PRO A 1 39 ? -1.427  8.507   3.305   1.00 27.43 ? 37  PRO C CD  1 
ATOM   285 O OXT . PRO A 1 39 ? -5.956  9.155   3.510   1.00 28.41 ? 37  PRO C OXT 1 
HETATM 286 O O   . HOH B 2 .  ? -0.899  -7.693  -9.558  1.00 32.43 ? 101 HOH C O   1 
HETATM 287 O O   . HOH B 2 .  ? -11.219 -1.240  7.465   0.50 7.51  ? 102 HOH C O   1 
HETATM 288 O O   . HOH B 2 .  ? 6.018   5.669   1.895   1.00 43.68 ? 103 HOH C O   1 
HETATM 289 O O   . HOH B 2 .  ? 5.752   -1.919  7.980   1.00 47.21 ? 104 HOH C O   1 
HETATM 290 O O   . HOH B 2 .  ? -0.027  -9.016  -2.420  1.00 20.88 ? 105 HOH C O   1 
HETATM 291 O O   . HOH B 2 .  ? 9.930   -5.796  0.659   1.00 30.81 ? 106 HOH C O   1 
HETATM 292 O O   . HOH B 2 .  ? 1.397   10.599  6.339   1.00 39.44 ? 107 HOH C O   1 
HETATM 293 O O   . HOH B 2 .  ? -2.368  11.489  1.726   1.00 31.51 ? 108 HOH C O   1 
HETATM 294 O O   . HOH B 2 .  ? 12.041  -6.100  -3.784  1.00 34.04 ? 109 HOH C O   1 
HETATM 295 O O   . HOH B 2 .  ? -3.123  1.008   -5.090  1.00 21.10 ? 110 HOH C O   1 
HETATM 296 O O   . HOH B 2 .  ? 0.794   -10.207 -4.912  1.00 18.82 ? 111 HOH C O   1 
HETATM 297 O O   . HOH B 2 .  ? -10.253 3.204   3.090   1.00 24.66 ? 112 HOH C O   1 
HETATM 298 O O   . HOH B 2 .  ? 9.362   -0.625  1.218   1.00 22.34 ? 113 HOH C O   1 
HETATM 299 O O   . HOH B 2 .  ? 7.696   -5.885  -6.448  1.00 41.66 ? 114 HOH C O   1 
HETATM 300 O O   . HOH B 2 .  ? -7.560  -5.002  -6.579  1.00 37.73 ? 115 HOH C O   1 
HETATM 301 O O   . HOH B 2 .  ? 1.651   5.735   -0.968  1.00 37.31 ? 116 HOH C O   1 
HETATM 302 O O   . HOH B 2 .  ? -3.975  14.741  -0.359  1.00 38.44 ? 117 HOH C O   1 
HETATM 303 O O   . HOH B 2 .  ? 0.278   8.982   -3.369  1.00 36.16 ? 118 HOH C O   1 
HETATM 304 O O   . HOH B 2 .  ? -2.476  -8.036  -2.137  1.00 24.99 ? 119 HOH C O   1 
HETATM 305 O O   . HOH B 2 .  ? 0.256   -2.456  -10.396 1.00 31.39 ? 120 HOH C O   1 
HETATM 306 O O   . HOH B 2 .  ? -5.591  -5.056  -4.335  1.00 24.44 ? 121 HOH C O   1 
HETATM 307 O O   . HOH B 2 .  ? 4.609   -11.287 -11.726 1.00 42.05 ? 122 HOH C O   1 
HETATM 308 O O   . HOH B 2 .  ? 6.464   -4.304  11.361  1.00 33.89 ? 123 HOH C O   1 
HETATM 309 O O   . HOH B 2 .  ? -9.238  -5.167  -12.963 0.50 20.75 ? 124 HOH C O   1 
HETATM 310 O O   . HOH B 2 .  ? 6.463   -2.706  -7.745  1.00 29.52 ? 125 HOH C O   1 
HETATM 311 O O   . HOH B 2 .  ? -6.434  4.866   7.998   1.00 44.01 ? 126 HOH C O   1 
HETATM 312 O O   . HOH B 2 .  ? 10.510  -9.344  -2.519  0.50 59.79 ? 127 HOH C O   1 
HETATM 313 O O   . HOH B 2 .  ? 9.654   -4.810  5.848   1.00 54.01 ? 128 HOH C O   1 
HETATM 314 O O   . HOH B 2 .  ? 7.408   7.169   0.655   1.00 49.52 ? 129 HOH C O   1 
HETATM 315 O O   . HOH B 2 .  ? 8.963   0.965   5.001   1.00 42.35 ? 130 HOH C O   1 
HETATM 316 O O   . HOH B 2 .  ? -5.747  13.203  -4.450  1.00 39.48 ? 131 HOH C O   1 
HETATM 317 O O   . HOH B 2 .  ? 0.179   -5.621  -10.640 1.00 37.03 ? 132 HOH C O   1 
HETATM 318 O O   . HOH B 2 .  ? 10.883  -2.227  2.362   1.00 31.68 ? 133 HOH C O   1 
# 
